data_8RD2
#
_entry.id   8RD2
#
_cell.length_a   120.010
_cell.length_b   120.010
_cell.length_c   107.633
_cell.angle_alpha   90.000
_cell.angle_beta   90.000
_cell.angle_gamma   90.000
#
_symmetry.space_group_name_H-M   'P 41'
#
_entity_poly.entity_id   1
_entity_poly.type   'polypeptide(L)'
_entity_poly.pdbx_seq_one_letter_code
;EELSVAQKQYVTAHGRQLVGQGATTLCTMKKLLDGVNSRVDTFEQQILTFVNNANANFRKISDDKVMAASLSASRLQEMQ
YMKSLGNSIIKYMGETGKRAKAAAAAASAALDEVLKWHCVDRTESHESSYSSTPNANCEPNAYKRDYYYEHSRLDPHKYS
ILCNYKVVSSTTTQTTFSNMERALEIWNQVKPKPYHMRVMICGAGAPAHQAAPAGRPCTVLENWLWNYRVTAHLIAKLEK
DATLALRVMRYSEKVLEGDKESLAQHEERRKAAEARAAEEEAKRQAAEKAAEEARKALEEAEARRVAAEEQAEARRLEAE
KAEKAKEAGQPVSEEKKKMLLEAVEKAEATEKAAEKQAKDSRKAFEEAEEERVKATEDAEAAKEEKKDAEESEEKLKKDV
EKLAEELKEESKESGEEDDVNADHDDGGSEAKSGWIGTTK
;
_entity_poly.pdbx_strand_id   A,B
#
# COMPACT_ATOMS: atom_id res chain seq x y z
N GLU A 1 21.22 -22.84 -30.87
CA GLU A 1 20.02 -22.78 -30.04
C GLU A 1 20.26 -21.87 -28.82
N GLU A 2 20.52 -22.49 -27.67
CA GLU A 2 20.70 -21.76 -26.41
C GLU A 2 19.51 -20.84 -26.15
N LEU A 3 18.31 -21.38 -26.32
CA LEU A 3 17.09 -20.60 -26.21
C LEU A 3 16.90 -20.09 -24.78
N SER A 4 16.44 -18.85 -24.66
CA SER A 4 16.20 -18.22 -23.37
C SER A 4 14.78 -17.68 -23.34
N VAL A 5 13.94 -18.26 -22.46
CA VAL A 5 12.59 -17.78 -22.27
C VAL A 5 12.53 -16.66 -21.24
N ALA A 6 13.68 -16.28 -20.67
CA ALA A 6 13.69 -15.21 -19.68
C ALA A 6 13.33 -13.86 -20.31
N GLN A 7 13.79 -13.60 -21.53
CA GLN A 7 13.58 -12.32 -22.17
C GLN A 7 12.95 -12.46 -23.55
N LYS A 8 12.50 -13.66 -23.93
CA LYS A 8 11.88 -13.87 -25.23
C LYS A 8 10.75 -14.87 -25.08
N GLN A 9 9.74 -14.72 -25.92
CA GLN A 9 8.62 -15.65 -26.00
C GLN A 9 8.73 -16.49 -27.26
N TYR A 10 8.33 -17.75 -27.16
CA TYR A 10 8.46 -18.69 -28.26
C TYR A 10 7.15 -19.45 -28.45
N VAL A 11 6.95 -19.95 -29.66
CA VAL A 11 5.76 -20.75 -29.95
C VAL A 11 5.83 -22.03 -29.15
N THR A 12 4.79 -22.29 -28.36
CA THR A 12 4.80 -23.44 -27.47
C THR A 12 4.77 -24.74 -28.25
N ALA A 13 5.53 -25.73 -27.76
CA ALA A 13 5.57 -27.03 -28.40
C ALA A 13 4.21 -27.71 -28.31
N HIS A 14 3.80 -28.34 -29.42
CA HIS A 14 2.57 -29.12 -29.51
C HIS A 14 1.32 -28.28 -29.24
N GLY A 15 1.39 -26.97 -29.47
CA GLY A 15 0.23 -26.13 -29.24
C GLY A 15 -0.16 -25.98 -27.79
N ARG A 16 0.77 -26.23 -26.87
CA ARG A 16 0.49 -26.21 -25.43
C ARG A 16 0.07 -24.82 -24.96
N GLN A 17 -1.19 -24.65 -24.60
CA GLN A 17 -1.68 -23.39 -24.06
C GLN A 17 -1.36 -23.30 -22.57
N LEU A 18 -1.53 -22.10 -22.03
CA LEU A 18 -1.39 -21.91 -20.59
C LEU A 18 -2.65 -22.45 -19.92
N VAL A 19 -2.52 -23.57 -19.21
CA VAL A 19 -3.65 -24.24 -18.61
C VAL A 19 -4.16 -23.45 -17.40
N GLY A 20 -5.31 -23.87 -16.86
CA GLY A 20 -5.86 -23.21 -15.68
C GLY A 20 -4.93 -23.23 -14.49
N GLN A 21 -4.36 -24.40 -14.18
CA GLN A 21 -3.45 -24.50 -13.05
C GLN A 21 -2.19 -23.68 -13.24
N GLY A 22 -1.80 -23.44 -14.50
CA GLY A 22 -0.65 -22.59 -14.76
C GLY A 22 -0.85 -21.18 -14.23
N ALA A 23 -2.03 -20.61 -14.45
CA ALA A 23 -2.35 -19.31 -13.83
C ALA A 23 -2.39 -19.43 -12.31
N THR A 24 -2.93 -20.54 -11.80
CA THR A 24 -2.98 -20.75 -10.35
C THR A 24 -1.59 -20.69 -9.73
N THR A 25 -0.63 -21.42 -10.30
CA THR A 25 0.73 -21.41 -9.78
C THR A 25 1.35 -20.02 -9.90
N LEU A 26 1.10 -19.32 -11.01
CA LEU A 26 1.60 -17.95 -11.15
C LEU A 26 1.04 -17.06 -10.06
N CYS A 27 -0.25 -17.19 -9.76
CA CYS A 27 -0.88 -16.34 -8.76
C CYS A 27 -0.40 -16.65 -7.35
N THR A 28 0.04 -17.88 -7.09
CA THR A 28 0.63 -18.17 -5.78
C THR A 28 1.98 -17.50 -5.63
N MET A 29 2.79 -17.50 -6.70
CA MET A 29 4.05 -16.77 -6.67
C MET A 29 3.82 -15.28 -6.47
N LYS A 30 2.80 -14.73 -7.14
CA LYS A 30 2.44 -13.34 -6.93
C LYS A 30 2.02 -13.08 -5.48
N LYS A 31 1.29 -14.02 -4.89
CA LYS A 31 0.92 -13.89 -3.49
C LYS A 31 2.10 -14.16 -2.56
N LEU A 32 3.02 -15.04 -2.98
CA LEU A 32 4.23 -15.26 -2.19
C LEU A 32 5.10 -14.01 -2.15
N LEU A 33 5.25 -13.34 -3.29
CA LEU A 33 6.05 -12.12 -3.34
C LEU A 33 5.39 -10.97 -2.57
N ASP A 34 4.05 -10.94 -2.53
CA ASP A 34 3.36 -9.85 -1.85
C ASP A 34 3.67 -9.82 -0.36
N GLY A 35 3.75 -11.00 0.28
CA GLY A 35 3.98 -11.08 1.70
C GLY A 35 5.43 -10.93 2.12
N VAL A 36 6.32 -10.60 1.19
CA VAL A 36 7.73 -10.42 1.52
C VAL A 36 7.90 -9.23 2.46
N ASN A 37 7.24 -8.11 2.16
CA ASN A 37 7.38 -6.93 3.00
C ASN A 37 6.89 -7.19 4.42
N SER A 38 5.77 -7.90 4.56
CA SER A 38 5.32 -8.31 5.89
C SER A 38 6.28 -9.29 6.53
N ARG A 39 6.87 -10.19 5.74
CA ARG A 39 7.77 -11.20 6.29
C ARG A 39 9.07 -10.56 6.77
N VAL A 40 9.66 -9.69 5.96
CA VAL A 40 10.93 -9.06 6.33
C VAL A 40 10.74 -8.16 7.54
N ASP A 41 9.65 -7.39 7.56
CA ASP A 41 9.43 -6.47 8.67
C ASP A 41 9.24 -7.19 9.99
N THR A 42 8.56 -8.34 9.98
CA THR A 42 8.42 -9.13 11.19
C THR A 42 9.67 -9.93 11.51
N PHE A 43 10.51 -10.22 10.52
CA PHE A 43 11.75 -10.92 10.79
C PHE A 43 12.74 -10.04 11.54
N GLU A 44 12.92 -8.80 11.07
CA GLU A 44 13.91 -7.91 11.68
C GLU A 44 13.61 -7.67 13.15
N GLN A 45 12.32 -7.51 13.49
CA GLN A 45 11.94 -7.32 14.89
C GLN A 45 12.24 -8.55 15.73
N GLN A 46 12.06 -9.75 15.18
CA GLN A 46 12.32 -10.95 15.95
C GLN A 46 13.82 -11.19 16.12
N ILE A 47 14.62 -10.89 15.09
CA ILE A 47 16.07 -11.04 15.23
C ILE A 47 16.62 -9.99 16.18
N LEU A 48 16.14 -8.75 16.09
CA LEU A 48 16.59 -7.70 16.99
C LEU A 48 16.25 -8.00 18.44
N THR A 49 15.09 -8.62 18.67
CA THR A 49 14.69 -8.95 20.03
C THR A 49 15.65 -9.96 20.65
N PHE A 50 16.09 -10.95 19.87
CA PHE A 50 16.99 -11.98 20.38
C PHE A 50 18.37 -11.42 20.68
N VAL A 51 18.95 -10.66 19.74
CA VAL A 51 20.30 -10.15 19.94
C VAL A 51 20.35 -9.04 20.98
N ASN A 52 19.21 -8.42 21.30
CA ASN A 52 19.16 -7.51 22.44
C ASN A 52 19.13 -8.26 23.77
N ASN A 53 18.30 -9.30 23.86
CA ASN A 53 18.23 -10.10 25.09
C ASN A 53 19.58 -10.73 25.41
N ALA A 54 20.22 -11.33 24.40
CA ALA A 54 21.51 -12.00 24.61
C ALA A 54 22.57 -11.01 25.05
N ASN A 55 22.71 -9.88 24.35
CA ASN A 55 23.74 -8.92 24.70
C ASN A 55 23.49 -8.27 26.06
N ALA A 56 22.22 -8.14 26.45
CA ALA A 56 21.93 -7.68 27.80
C ALA A 56 22.44 -8.67 28.85
N ASN A 57 22.29 -9.97 28.57
CA ASN A 57 22.89 -10.99 29.42
C ASN A 57 24.40 -10.81 29.50
N PHE A 58 25.03 -10.53 28.37
CA PHE A 58 26.47 -10.32 28.34
C PHE A 58 26.87 -9.02 29.04
N ARG A 59 25.95 -8.08 29.20
CA ARG A 59 26.20 -6.92 30.06
C ARG A 59 25.94 -7.22 31.52
N LYS A 60 25.49 -8.42 31.86
CA LYS A 60 25.39 -8.86 33.24
C LYS A 60 26.47 -9.86 33.63
N ILE A 61 26.90 -10.71 32.70
CA ILE A 61 27.99 -11.64 32.98
C ILE A 61 29.30 -10.86 33.18
N SER A 62 29.54 -9.85 32.36
CA SER A 62 30.68 -8.96 32.59
C SER A 62 30.49 -8.17 33.88
N ASP A 63 29.31 -7.57 34.06
CA ASP A 63 29.05 -6.77 35.26
C ASP A 63 29.02 -7.62 36.53
N ASP A 64 28.84 -8.92 36.41
CA ASP A 64 28.97 -9.81 37.57
C ASP A 64 30.45 -9.97 37.91
N LYS A 65 30.81 -9.64 39.14
CA LYS A 65 32.20 -9.75 39.58
C LYS A 65 32.61 -11.18 39.89
N VAL A 66 31.63 -12.07 40.09
CA VAL A 66 31.94 -13.46 40.40
C VAL A 66 31.97 -14.31 39.13
N MET A 67 31.06 -14.04 38.18
CA MET A 67 31.04 -14.80 36.95
C MET A 67 32.26 -14.48 36.07
N ALA A 68 32.72 -13.24 36.07
CA ALA A 68 33.83 -12.87 35.20
C ALA A 68 35.14 -13.51 35.67
N ALA A 69 35.35 -13.55 36.99
CA ALA A 69 36.60 -14.09 37.54
C ALA A 69 36.61 -15.62 37.60
N SER A 70 35.44 -16.25 37.56
CA SER A 70 35.35 -17.71 37.56
C SER A 70 35.23 -18.28 36.16
N LEU A 71 35.25 -17.42 35.14
CA LEU A 71 35.24 -17.91 33.76
C LEU A 71 36.56 -18.60 33.43
N SER A 72 36.47 -19.56 32.53
CA SER A 72 37.66 -20.26 32.04
C SER A 72 38.23 -19.54 30.82
N ALA A 73 39.49 -19.84 30.51
CA ALA A 73 40.13 -19.21 29.36
C ALA A 73 39.45 -19.61 28.05
N SER A 74 39.09 -20.88 27.91
CA SER A 74 38.51 -21.36 26.65
C SER A 74 37.04 -20.97 26.49
N ARG A 75 36.27 -20.93 27.57
CA ARG A 75 34.85 -20.61 27.47
C ARG A 75 34.60 -19.14 27.21
N LEU A 76 35.47 -18.26 27.74
CA LEU A 76 35.32 -16.83 27.48
C LEU A 76 35.55 -16.50 26.01
N GLN A 77 36.48 -17.22 25.36
CA GLN A 77 36.74 -16.99 23.94
C GLN A 77 35.49 -17.22 23.10
N GLU A 78 34.87 -18.39 23.26
CA GLU A 78 33.66 -18.69 22.49
C GLU A 78 32.49 -17.84 22.95
N MET A 79 32.44 -17.48 24.23
CA MET A 79 31.36 -16.63 24.72
C MET A 79 31.39 -15.26 24.04
N GLN A 80 32.58 -14.68 23.90
CA GLN A 80 32.72 -13.46 23.12
C GLN A 80 32.66 -13.71 21.62
N TYR A 81 32.91 -14.94 21.18
CA TYR A 81 32.64 -15.30 19.80
C TYR A 81 31.15 -15.33 19.52
N MET A 82 30.37 -15.95 20.40
CA MET A 82 28.92 -16.01 20.22
C MET A 82 28.30 -14.63 20.29
N LYS A 83 28.76 -13.79 21.23
CA LYS A 83 28.24 -12.43 21.30
C LYS A 83 28.57 -11.64 20.02
N SER A 84 29.80 -11.79 19.52
CA SER A 84 30.18 -11.11 18.28
C SER A 84 29.50 -11.73 17.07
N LEU A 85 29.21 -13.03 17.11
CA LEU A 85 28.53 -13.68 15.99
C LEU A 85 27.13 -13.11 15.80
N GLY A 86 26.38 -12.96 16.89
CA GLY A 86 25.04 -12.41 16.79
C GLY A 86 25.02 -10.95 16.35
N ASN A 87 26.00 -10.17 16.78
CA ASN A 87 26.10 -8.78 16.32
C ASN A 87 26.31 -8.70 14.81
N SER A 88 27.08 -9.65 14.24
CA SER A 88 27.23 -9.72 12.79
C SER A 88 25.87 -9.80 12.11
N ILE A 89 24.93 -10.52 12.71
CA ILE A 89 23.59 -10.65 12.15
C ILE A 89 22.93 -9.28 12.05
N ILE A 90 22.88 -8.54 13.17
CA ILE A 90 22.18 -7.26 13.19
C ILE A 90 22.84 -6.27 12.23
N LYS A 91 24.17 -6.29 12.17
CA LYS A 91 24.90 -5.30 11.38
C LYS A 91 24.56 -5.40 9.90
N TYR A 92 24.51 -6.61 9.36
CA TYR A 92 24.26 -6.84 7.94
C TYR A 92 22.82 -7.22 7.64
N MET A 93 21.94 -7.16 8.64
CA MET A 93 20.53 -7.48 8.45
C MET A 93 19.75 -6.36 7.76
N GLY A 94 20.17 -5.11 7.94
CA GLY A 94 19.41 -3.99 7.41
C GLY A 94 19.39 -3.98 5.89
N GLU A 95 20.56 -4.11 5.27
CA GLU A 95 20.63 -4.14 3.81
C GLU A 95 20.10 -5.45 3.24
N THR A 96 20.14 -6.53 4.03
CA THR A 96 19.50 -7.77 3.60
C THR A 96 18.00 -7.58 3.47
N GLY A 97 17.38 -6.86 4.41
CA GLY A 97 15.97 -6.60 4.33
C GLY A 97 15.62 -5.55 3.30
N LYS A 98 16.51 -4.59 3.07
CA LYS A 98 16.27 -3.60 2.02
C LYS A 98 16.36 -4.23 0.64
N ARG A 99 17.33 -5.14 0.44
CA ARG A 99 17.49 -5.76 -0.87
C ARG A 99 16.42 -6.81 -1.15
N ALA A 100 15.78 -7.34 -0.11
CA ALA A 100 14.72 -8.34 -0.29
C ALA A 100 13.38 -7.70 -0.64
N LYS A 101 13.05 -6.57 -0.01
CA LYS A 101 11.82 -5.87 -0.37
C LYS A 101 11.88 -5.36 -1.80
N ALA A 102 13.00 -4.76 -2.18
CA ALA A 102 13.14 -4.19 -3.52
C ALA A 102 13.17 -5.27 -4.59
N ALA A 103 13.83 -6.39 -4.30
CA ALA A 103 13.86 -7.49 -5.27
C ALA A 103 12.49 -8.12 -5.43
N ALA A 104 11.69 -8.17 -4.37
CA ALA A 104 10.33 -8.68 -4.48
C ALA A 104 9.47 -7.77 -5.33
N ALA A 105 9.61 -6.45 -5.16
CA ALA A 105 8.81 -5.50 -5.92
C ALA A 105 9.14 -5.55 -7.40
N ALA A 106 10.41 -5.76 -7.76
CA ALA A 106 10.77 -5.89 -9.16
C ALA A 106 10.16 -7.13 -9.79
N ALA A 107 10.08 -8.24 -9.03
CA ALA A 107 9.44 -9.44 -9.53
C ALA A 107 7.93 -9.28 -9.56
N SER A 108 7.35 -8.66 -8.52
CA SER A 108 5.90 -8.48 -8.48
C SER A 108 5.44 -7.57 -9.61
N ALA A 109 6.18 -6.50 -9.88
CA ALA A 109 5.82 -5.61 -10.99
C ALA A 109 5.90 -6.35 -12.33
N ALA A 110 6.95 -7.15 -12.52
CA ALA A 110 7.10 -7.87 -13.79
C ALA A 110 6.06 -8.96 -13.94
N LEU A 111 5.72 -9.65 -12.85
CA LEU A 111 4.70 -10.69 -12.92
C LEU A 111 3.32 -10.10 -13.20
N ASP A 112 3.01 -8.94 -12.63
CA ASP A 112 1.71 -8.32 -12.85
C ASP A 112 1.52 -7.96 -14.32
N GLU A 113 2.59 -7.50 -14.99
CA GLU A 113 2.50 -7.21 -16.40
C GLU A 113 2.19 -8.48 -17.20
N VAL A 114 2.77 -9.60 -16.80
CA VAL A 114 2.47 -10.87 -17.46
C VAL A 114 1.03 -11.29 -17.20
N LEU A 115 0.60 -11.22 -15.94
CA LEU A 115 -0.75 -11.65 -15.58
C LEU A 115 -1.81 -10.80 -16.28
N LYS A 116 -1.50 -9.55 -16.59
CA LYS A 116 -2.50 -8.63 -17.10
C LYS A 116 -2.65 -8.70 -18.62
N TRP A 117 -1.58 -9.03 -19.34
CA TRP A 117 -1.57 -8.87 -20.79
C TRP A 117 -1.12 -10.10 -21.57
N HIS A 118 -0.83 -11.22 -20.91
CA HIS A 118 -0.40 -12.40 -21.65
C HIS A 118 -1.53 -12.98 -22.48
N CYS A 119 -2.71 -13.17 -21.88
CA CYS A 119 -3.84 -13.71 -22.62
C CYS A 119 -4.55 -12.69 -23.48
N VAL A 120 -4.22 -11.40 -23.33
CA VAL A 120 -4.96 -10.33 -23.99
C VAL A 120 -4.27 -9.99 -25.30
N ASP A 121 -4.95 -10.29 -26.41
CA ASP A 121 -4.48 -9.87 -27.72
C ASP A 121 -4.45 -8.34 -27.78
N ARG A 122 -3.31 -7.78 -28.19
CA ARG A 122 -3.15 -6.33 -28.30
C ARG A 122 -2.92 -5.91 -29.75
N THR A 123 -3.71 -6.47 -30.66
CA THR A 123 -3.70 -6.07 -32.06
C THR A 123 -4.13 -4.60 -32.21
N SER A 131 -13.84 -3.80 -26.99
CA SER A 131 -13.78 -4.95 -26.10
C SER A 131 -12.57 -5.82 -26.43
N SER A 132 -11.48 -5.61 -25.68
CA SER A 132 -10.23 -6.32 -25.96
C SER A 132 -10.44 -7.83 -25.90
N THR A 133 -9.93 -8.52 -26.92
CA THR A 133 -10.23 -9.92 -27.21
C THR A 133 -9.10 -10.84 -26.80
N PRO A 134 -9.36 -12.13 -26.62
CA PRO A 134 -8.30 -13.06 -26.21
C PRO A 134 -7.43 -13.49 -27.37
N ASN A 135 -6.16 -13.75 -27.06
CA ASN A 135 -5.23 -14.33 -28.03
C ASN A 135 -5.31 -15.86 -27.92
N ALA A 136 -4.38 -16.56 -28.58
CA ALA A 136 -4.37 -18.01 -28.58
C ALA A 136 -3.46 -18.59 -27.49
N ASN A 137 -2.94 -17.75 -26.58
CA ASN A 137 -1.97 -18.21 -25.60
C ASN A 137 -2.58 -18.98 -24.43
N CYS A 138 -3.87 -18.82 -24.15
CA CYS A 138 -4.43 -19.28 -22.88
C CYS A 138 -5.69 -20.11 -23.08
N GLU A 139 -5.86 -21.10 -22.21
CA GLU A 139 -7.16 -21.72 -22.03
C GLU A 139 -8.11 -20.74 -21.35
N PRO A 140 -9.42 -20.95 -21.49
CA PRO A 140 -10.37 -20.09 -20.76
C PRO A 140 -10.17 -20.13 -19.25
N ASN A 141 -9.80 -21.28 -18.68
CA ASN A 141 -9.60 -21.38 -17.24
C ASN A 141 -8.55 -20.38 -16.72
N ALA A 142 -7.59 -20.00 -17.57
CA ALA A 142 -6.46 -19.19 -17.12
C ALA A 142 -6.87 -17.80 -16.64
N TYR A 143 -8.01 -17.28 -17.12
CA TYR A 143 -8.47 -15.95 -16.75
C TYR A 143 -9.91 -16.00 -16.24
N LYS A 144 -10.26 -17.09 -15.56
CA LYS A 144 -11.61 -17.30 -15.07
C LYS A 144 -11.72 -16.80 -13.64
N ARG A 145 -12.76 -16.02 -13.37
CA ARG A 145 -13.01 -15.55 -12.01
C ARG A 145 -13.47 -16.75 -11.18
N ASP A 146 -12.52 -17.38 -10.49
CA ASP A 146 -12.82 -18.57 -9.70
C ASP A 146 -13.61 -18.23 -8.45
N TYR A 147 -13.33 -17.08 -7.84
CA TYR A 147 -14.14 -16.54 -6.77
C TYR A 147 -14.95 -15.37 -7.29
N TYR A 148 -15.90 -14.91 -6.48
CA TYR A 148 -16.83 -13.88 -6.93
C TYR A 148 -16.11 -12.57 -7.22
N TYR A 149 -16.53 -11.90 -8.28
CA TYR A 149 -15.93 -10.62 -8.67
C TYR A 149 -17.04 -9.71 -9.20
N GLU A 150 -17.54 -8.84 -8.33
CA GLU A 150 -18.42 -7.77 -8.76
C GLU A 150 -17.64 -6.82 -9.68
N HIS A 151 -18.36 -6.18 -10.60
CA HIS A 151 -17.83 -5.30 -11.65
C HIS A 151 -17.28 -6.13 -12.81
N SER A 152 -17.35 -7.45 -12.75
CA SER A 152 -16.95 -8.30 -13.88
C SER A 152 -18.02 -8.32 -14.96
N ASP A 155 -16.94 -5.82 -16.62
CA ASP A 155 -16.15 -6.33 -17.74
C ASP A 155 -14.77 -5.68 -18.02
N PRO A 156 -14.65 -4.32 -17.87
CA PRO A 156 -13.61 -3.58 -18.61
C PRO A 156 -12.27 -4.27 -18.80
N HIS A 157 -11.75 -4.93 -17.76
CA HIS A 157 -10.50 -5.67 -17.88
C HIS A 157 -10.81 -7.14 -17.69
N LYS A 158 -11.21 -7.78 -18.78
CA LYS A 158 -11.37 -9.23 -18.85
C LYS A 158 -10.18 -9.81 -19.59
N TYR A 159 -10.05 -11.14 -19.54
CA TYR A 159 -8.94 -11.91 -20.09
C TYR A 159 -7.63 -11.59 -19.39
N SER A 160 -7.65 -10.76 -18.34
CA SER A 160 -6.51 -10.52 -17.48
C SER A 160 -6.66 -11.35 -16.22
N ILE A 161 -5.58 -11.99 -15.79
CA ILE A 161 -5.62 -12.95 -14.69
C ILE A 161 -5.64 -12.17 -13.38
N LEU A 162 -6.83 -11.98 -12.81
CA LEU A 162 -6.98 -11.32 -11.52
C LEU A 162 -6.65 -12.32 -10.43
N CYS A 163 -5.46 -12.18 -9.84
CA CYS A 163 -4.96 -13.22 -8.94
C CYS A 163 -5.76 -13.30 -7.64
N ASN A 164 -6.17 -12.16 -7.09
CA ASN A 164 -6.91 -12.17 -5.84
C ASN A 164 -8.39 -12.52 -6.04
N TYR A 165 -8.72 -13.07 -7.21
CA TYR A 165 -10.01 -13.70 -7.47
C TYR A 165 -9.81 -15.07 -8.10
N LYS A 166 -8.61 -15.62 -7.95
CA LYS A 166 -8.25 -16.97 -8.39
C LYS A 166 -7.79 -17.85 -7.24
N VAL A 167 -6.91 -17.35 -6.39
CA VAL A 167 -6.34 -18.13 -5.29
C VAL A 167 -6.47 -17.33 -4.00
N VAL A 168 -6.79 -18.03 -2.91
CA VAL A 168 -6.92 -17.39 -1.62
C VAL A 168 -5.75 -17.82 -0.73
N SER A 169 -5.66 -17.18 0.44
CA SER A 169 -4.57 -17.44 1.37
C SER A 169 -4.56 -18.91 1.79
N SER A 170 -3.55 -19.65 1.34
CA SER A 170 -3.40 -21.06 1.64
C SER A 170 -2.12 -21.29 2.41
N THR A 171 -1.93 -22.54 2.83
CA THR A 171 -0.69 -22.92 3.51
C THR A 171 0.53 -22.61 2.65
N THR A 172 0.43 -22.90 1.36
CA THR A 172 1.54 -22.71 0.42
C THR A 172 1.66 -21.27 -0.07
N THR A 173 0.77 -20.37 0.36
CA THR A 173 0.86 -18.96 0.00
C THR A 173 1.53 -18.13 1.08
N GLN A 174 2.14 -18.76 2.09
CA GLN A 174 2.92 -18.03 3.08
C GLN A 174 4.34 -17.80 2.57
N THR A 175 4.84 -16.58 2.76
CA THR A 175 6.17 -16.25 2.26
C THR A 175 7.26 -16.94 3.06
N THR A 176 7.65 -18.14 2.63
CA THR A 176 8.79 -18.85 3.20
C THR A 176 9.61 -19.40 2.04
N PHE A 177 10.91 -19.65 2.29
CA PHE A 177 11.75 -20.21 1.24
C PHE A 177 11.19 -21.52 0.71
N SER A 178 10.82 -22.44 1.61
CA SER A 178 10.28 -23.73 1.21
C SER A 178 9.05 -23.58 0.30
N ASN A 179 8.10 -22.74 0.70
CA ASN A 179 6.92 -22.53 -0.13
C ASN A 179 7.28 -21.90 -1.46
N MET A 180 8.19 -20.92 -1.45
CA MET A 180 8.63 -20.32 -2.71
C MET A 180 9.38 -21.32 -3.58
N GLU A 181 10.14 -22.24 -2.95
CA GLU A 181 10.88 -23.24 -3.70
C GLU A 181 9.95 -24.17 -4.47
N ARG A 182 8.90 -24.67 -3.81
CA ARG A 182 8.00 -25.60 -4.48
C ARG A 182 7.18 -24.90 -5.55
N ALA A 183 6.85 -23.62 -5.35
CA ALA A 183 6.03 -22.90 -6.32
C ALA A 183 6.74 -22.76 -7.66
N LEU A 184 8.03 -22.42 -7.64
CA LEU A 184 8.79 -22.33 -8.88
C LEU A 184 8.89 -23.70 -9.56
N GLU A 185 9.08 -24.76 -8.78
CA GLU A 185 9.17 -26.10 -9.36
C GLU A 185 7.86 -26.52 -10.02
N ILE A 186 6.73 -26.21 -9.38
CA ILE A 186 5.43 -26.55 -9.98
C ILE A 186 5.19 -25.72 -11.23
N TRP A 187 5.62 -24.45 -11.23
CA TRP A 187 5.47 -23.62 -12.42
C TRP A 187 6.25 -24.20 -13.60
N ASN A 188 7.50 -24.59 -13.37
CA ASN A 188 8.26 -25.24 -14.43
C ASN A 188 7.64 -26.57 -14.82
N GLN A 189 6.92 -27.20 -13.88
CA GLN A 189 6.25 -28.46 -14.18
C GLN A 189 5.13 -28.27 -15.20
N VAL A 190 4.38 -27.17 -15.09
CA VAL A 190 3.16 -26.98 -15.87
C VAL A 190 3.27 -25.82 -16.86
N LYS A 191 4.41 -25.16 -16.95
CA LYS A 191 4.54 -24.01 -17.83
C LYS A 191 4.42 -24.44 -19.30
N PRO A 192 3.96 -23.54 -20.18
CA PRO A 192 4.02 -23.84 -21.61
C PRO A 192 5.48 -23.93 -22.04
N LYS A 193 5.81 -24.97 -22.79
CA LYS A 193 7.21 -25.14 -23.07
C LYS A 193 7.52 -24.88 -24.54
N PRO A 194 8.57 -24.12 -24.83
CA PRO A 194 8.82 -23.67 -26.20
C PRO A 194 9.17 -24.81 -27.13
N TYR A 195 9.23 -24.46 -28.42
CA TYR A 195 9.56 -25.41 -29.49
C TYR A 195 11.04 -25.30 -29.81
N HIS A 196 11.75 -26.43 -29.72
CA HIS A 196 13.20 -26.45 -29.74
C HIS A 196 13.78 -26.86 -31.09
N MET A 197 12.97 -26.93 -32.14
CA MET A 197 13.47 -27.29 -33.46
C MET A 197 13.43 -26.14 -34.46
N ARG A 198 12.53 -25.18 -34.28
CA ARG A 198 12.50 -23.98 -35.12
C ARG A 198 12.33 -22.80 -34.17
N VAL A 199 13.42 -22.05 -33.94
CA VAL A 199 13.37 -20.88 -33.08
C VAL A 199 12.34 -19.93 -33.65
N MET A 200 11.26 -19.71 -32.92
CA MET A 200 10.10 -18.96 -33.41
C MET A 200 9.74 -17.92 -32.36
N ILE A 201 10.35 -16.74 -32.49
CA ILE A 201 10.22 -15.69 -31.49
C ILE A 201 8.91 -14.96 -31.70
N CYS A 202 8.05 -14.96 -30.68
CA CYS A 202 6.85 -14.14 -30.72
C CYS A 202 7.20 -12.70 -30.40
N GLY A 203 6.18 -11.84 -30.39
CA GLY A 203 6.39 -10.43 -30.16
C GLY A 203 6.75 -9.70 -31.43
N ALA A 204 6.08 -8.58 -31.70
CA ALA A 204 6.26 -7.87 -32.96
C ALA A 204 7.52 -7.00 -32.93
N GLY A 205 8.63 -7.57 -32.50
CA GLY A 205 9.92 -6.94 -32.67
C GLY A 205 10.57 -7.27 -34.00
N ALA A 206 9.85 -8.01 -34.86
CA ALA A 206 10.27 -8.42 -36.19
C ALA A 206 11.67 -9.03 -36.19
N PRO A 207 11.87 -10.24 -35.65
CA PRO A 207 13.13 -10.94 -35.88
C PRO A 207 13.35 -11.28 -37.34
N ALA A 208 12.33 -11.11 -38.18
CA ALA A 208 12.43 -11.13 -39.64
C ALA A 208 12.54 -12.55 -40.16
N HIS A 209 13.73 -13.13 -40.02
CA HIS A 209 13.95 -14.51 -40.45
C HIS A 209 13.12 -15.50 -39.62
N GLN A 210 12.75 -15.14 -38.39
CA GLN A 210 12.09 -16.06 -37.48
C GLN A 210 10.93 -15.39 -36.74
N ALA A 211 10.13 -14.59 -37.44
CA ALA A 211 8.96 -13.99 -36.84
C ALA A 211 7.83 -15.01 -36.75
N ALA A 212 7.21 -15.10 -35.57
CA ALA A 212 6.14 -16.09 -35.35
C ALA A 212 4.86 -15.63 -36.04
N PRO A 213 4.24 -16.48 -36.84
CA PRO A 213 2.99 -16.08 -37.51
C PRO A 213 1.83 -15.97 -36.53
N ALA A 214 0.84 -15.18 -36.93
CA ALA A 214 -0.30 -14.90 -36.06
C ALA A 214 -1.11 -16.17 -35.79
N GLY A 215 -1.47 -16.37 -34.52
CA GLY A 215 -2.39 -17.43 -34.16
C GLY A 215 -1.76 -18.70 -33.63
N ARG A 216 -0.67 -18.58 -32.88
CA ARG A 216 -0.04 -19.72 -32.22
C ARG A 216 0.22 -19.39 -30.76
N PRO A 217 0.19 -20.40 -29.89
CA PRO A 217 0.45 -20.13 -28.46
C PRO A 217 1.90 -19.75 -28.24
N CYS A 218 2.12 -18.68 -27.48
CA CYS A 218 3.45 -18.19 -27.14
C CYS A 218 3.70 -18.38 -25.65
N THR A 219 4.94 -18.70 -25.30
CA THR A 219 5.29 -19.02 -23.92
C THR A 219 5.22 -17.78 -23.04
N VAL A 220 5.37 -17.99 -21.75
CA VAL A 220 5.32 -16.90 -20.77
C VAL A 220 6.70 -16.28 -20.65
N LEU A 221 6.77 -14.95 -20.78
CA LEU A 221 8.01 -14.24 -20.53
C LEU A 221 8.38 -14.34 -19.06
N GLU A 222 9.67 -14.52 -18.78
CA GLU A 222 10.14 -14.66 -17.39
C GLU A 222 11.29 -13.69 -17.14
N ASN A 223 10.94 -12.43 -16.89
CA ASN A 223 11.91 -11.45 -16.39
C ASN A 223 11.86 -11.34 -14.88
N TRP A 224 10.71 -11.62 -14.27
CA TRP A 224 10.60 -11.75 -12.83
C TRP A 224 11.41 -12.92 -12.29
N LEU A 225 11.82 -13.85 -13.15
CA LEU A 225 12.41 -15.11 -12.68
C LEU A 225 13.68 -14.87 -11.88
N TRP A 226 14.57 -13.99 -12.36
CA TRP A 226 15.78 -13.68 -11.61
C TRP A 226 15.45 -13.00 -10.28
N ASN A 227 14.52 -12.04 -10.31
CA ASN A 227 14.16 -11.35 -9.08
C ASN A 227 13.41 -12.26 -8.12
N TYR A 228 12.71 -13.27 -8.64
CA TYR A 228 12.04 -14.23 -7.77
C TYR A 228 13.04 -15.04 -6.96
N ARG A 229 14.10 -15.53 -7.62
CA ARG A 229 15.12 -16.30 -6.91
C ARG A 229 15.84 -15.45 -5.87
N VAL A 230 16.19 -14.21 -6.23
CA VAL A 230 16.88 -13.32 -5.31
C VAL A 230 16.00 -13.05 -4.09
N THR A 231 14.71 -12.81 -4.32
CA THR A 231 13.79 -12.59 -3.23
C THR A 231 13.74 -13.81 -2.30
N ALA A 232 13.60 -15.00 -2.88
CA ALA A 232 13.49 -16.21 -2.07
C ALA A 232 14.80 -16.52 -1.34
N HIS A 233 15.94 -16.25 -1.97
CA HIS A 233 17.22 -16.53 -1.31
C HIS A 233 17.42 -15.62 -0.10
N LEU A 234 17.07 -14.35 -0.22
CA LEU A 234 17.20 -13.43 0.90
C LEU A 234 16.21 -13.75 2.01
N ILE A 235 15.02 -14.23 1.66
CA ILE A 235 14.10 -14.74 2.67
C ILE A 235 14.71 -15.94 3.38
N ALA A 236 15.35 -16.84 2.62
CA ALA A 236 16.01 -17.99 3.22
C ALA A 236 17.12 -17.55 4.18
N LYS A 237 17.88 -16.52 3.80
CA LYS A 237 18.93 -16.03 4.67
C LYS A 237 18.36 -15.49 5.99
N LEU A 238 17.24 -14.78 5.91
CA LEU A 238 16.62 -14.24 7.12
C LEU A 238 16.18 -15.36 8.06
N GLU A 239 15.56 -16.41 7.51
CA GLU A 239 15.15 -17.55 8.32
C GLU A 239 16.37 -18.22 8.96
N LYS A 240 17.43 -18.42 8.18
CA LYS A 240 18.67 -18.99 8.72
C LYS A 240 19.29 -18.07 9.77
N ASP A 241 19.35 -16.76 9.49
CA ASP A 241 19.88 -15.82 10.46
C ASP A 241 19.01 -15.74 11.70
N ALA A 242 17.68 -15.82 11.53
CA ALA A 242 16.77 -15.76 12.68
C ALA A 242 16.97 -16.93 13.62
N THR A 243 17.23 -18.12 13.08
CA THR A 243 17.48 -19.28 13.94
C THR A 243 18.83 -19.17 14.63
N LEU A 244 19.84 -18.65 13.91
CA LEU A 244 21.15 -18.45 14.52
C LEU A 244 21.08 -17.44 15.66
N ALA A 245 20.27 -16.40 15.52
CA ALA A 245 20.11 -15.42 16.58
C ALA A 245 19.50 -16.05 17.83
N LEU A 246 18.52 -16.93 17.66
CA LEU A 246 17.91 -17.59 18.81
C LEU A 246 18.90 -18.50 19.52
N ARG A 247 19.83 -19.12 18.78
CA ARG A 247 20.84 -19.94 19.41
C ARG A 247 21.78 -19.10 20.27
N VAL A 248 22.10 -17.88 19.84
CA VAL A 248 22.92 -17.00 20.65
C VAL A 248 22.19 -16.64 21.95
N MET A 249 20.90 -16.31 21.85
CA MET A 249 20.13 -16.01 23.05
C MET A 249 20.03 -17.23 23.96
N ARG A 250 19.76 -18.41 23.38
CA ARG A 250 19.71 -19.63 24.17
C ARG A 250 21.08 -19.94 24.79
N TYR A 251 22.15 -19.66 24.06
CA TYR A 251 23.49 -19.82 24.61
C TYR A 251 23.72 -18.87 25.78
N SER A 252 23.34 -17.59 25.61
CA SER A 252 23.61 -16.59 26.64
C SER A 252 22.88 -16.91 27.95
N GLU A 253 21.62 -17.35 27.86
CA GLU A 253 20.87 -17.68 29.07
C GLU A 253 21.55 -18.80 29.85
N LYS A 254 22.00 -19.85 29.15
CA LYS A 254 22.66 -20.96 29.82
C LYS A 254 24.01 -20.59 30.39
N VAL A 255 24.61 -19.49 29.94
CA VAL A 255 25.85 -18.99 30.52
C VAL A 255 25.56 -17.99 31.65
N LEU A 256 24.58 -17.11 31.44
CA LEU A 256 24.17 -16.21 32.51
C LEU A 256 23.62 -17.00 33.70
N GLU A 257 22.78 -18.00 33.43
CA GLU A 257 22.33 -18.89 34.48
C GLU A 257 23.52 -19.72 34.97
N GLY A 258 23.72 -19.74 36.28
CA GLY A 258 24.83 -20.43 36.87
C GLY A 258 24.76 -21.94 36.76
N ASP A 259 23.79 -22.44 35.98
CA ASP A 259 23.51 -23.86 35.85
C ASP A 259 23.23 -24.46 37.24
N LYS A 260 22.11 -24.02 37.81
CA LYS A 260 21.63 -24.49 39.10
C LYS A 260 20.48 -25.48 38.90
N GLU A 261 20.18 -26.23 39.97
CA GLU A 261 19.02 -27.11 40.01
C GLU A 261 19.08 -28.15 38.89
N SER A 262 20.06 -29.06 39.05
CA SER A 262 20.33 -30.14 38.11
C SER A 262 19.06 -30.72 37.50
N LEU A 263 18.07 -31.01 38.35
CA LEU A 263 16.73 -31.32 37.84
C LEU A 263 15.61 -30.62 38.59
N ALA A 264 15.89 -29.92 39.70
CA ALA A 264 14.82 -29.26 40.44
C ALA A 264 14.08 -28.25 39.56
N GLN A 265 14.80 -27.28 39.01
CA GLN A 265 14.18 -26.26 38.17
C GLN A 265 14.21 -26.60 36.68
N HIS A 266 15.07 -27.53 36.26
CA HIS A 266 15.08 -27.93 34.86
C HIS A 266 13.90 -28.84 34.52
N GLU A 267 13.46 -29.67 35.47
CA GLU A 267 12.21 -30.38 35.27
C GLU A 267 11.02 -29.45 35.46
N GLU A 268 11.13 -28.50 36.38
CA GLU A 268 10.06 -27.54 36.61
C GLU A 268 9.76 -26.75 35.34
N ARG A 269 10.80 -26.23 34.69
CA ARG A 269 10.61 -25.56 33.40
C ARG A 269 10.05 -26.52 32.36
N ARG A 270 10.57 -27.76 32.32
CA ARG A 270 10.12 -28.71 31.31
C ARG A 270 8.68 -29.16 31.58
N LYS A 271 8.36 -29.46 32.83
CA LYS A 271 6.98 -29.82 33.18
C LYS A 271 6.01 -28.71 32.80
N ALA A 272 6.43 -27.45 32.97
CA ALA A 272 5.64 -26.32 32.50
C ALA A 272 5.71 -26.20 30.97
N ALA A 273 6.86 -26.52 30.39
CA ALA A 273 7.01 -26.42 28.93
C ALA A 273 6.02 -27.32 28.21
N GLU A 274 5.80 -28.53 28.72
CA GLU A 274 4.81 -29.41 28.14
C GLU A 274 3.40 -28.83 28.24
N ALA A 275 3.09 -28.18 29.37
CA ALA A 275 1.75 -27.64 29.58
C ALA A 275 1.40 -26.60 28.53
N ARG A 276 2.29 -25.63 28.31
CA ARG A 276 2.06 -24.64 27.26
C ARG A 276 2.09 -25.29 25.88
N ALA A 277 2.98 -26.26 25.68
CA ALA A 277 3.06 -26.94 24.37
C ALA A 277 1.76 -27.65 24.04
N ALA A 278 1.19 -28.38 25.01
CA ALA A 278 -0.09 -29.06 24.77
C ALA A 278 -1.24 -28.06 24.62
N GLU A 279 -1.27 -27.04 25.47
CA GLU A 279 -2.34 -26.04 25.43
C GLU A 279 -2.34 -25.30 24.10
N GLU A 280 -1.18 -24.81 23.67
CA GLU A 280 -1.10 -24.10 22.40
C GLU A 280 -1.39 -25.02 21.23
N GLU A 281 -0.93 -26.28 21.31
CA GLU A 281 -1.25 -27.25 20.26
C GLU A 281 -2.77 -27.49 20.19
N ALA A 282 -3.41 -27.65 21.34
CA ALA A 282 -4.87 -27.76 21.36
C ALA A 282 -5.52 -26.49 20.84
N LYS A 283 -4.98 -25.33 21.21
CA LYS A 283 -5.45 -24.07 20.65
C LYS A 283 -5.17 -24.01 19.15
N ARG A 284 -4.00 -24.49 18.72
CA ARG A 284 -3.67 -24.47 17.30
C ARG A 284 -4.55 -25.43 16.51
N GLN A 285 -4.71 -26.67 17.01
CA GLN A 285 -5.48 -27.65 16.27
C GLN A 285 -6.96 -27.28 16.19
N ALA A 286 -7.46 -26.56 17.19
CA ALA A 286 -8.85 -26.12 17.16
C ALA A 286 -9.07 -25.11 16.04
N ALA A 287 -8.19 -24.11 15.93
CA ALA A 287 -8.33 -23.13 14.86
C ALA A 287 -7.95 -23.72 13.51
N GLU A 288 -7.09 -24.74 13.50
CA GLU A 288 -6.73 -25.41 12.25
C GLU A 288 -7.92 -26.13 11.65
N LYS A 289 -8.62 -26.94 12.46
CA LYS A 289 -9.79 -27.65 11.97
C LYS A 289 -10.90 -26.67 11.59
N ALA A 290 -11.09 -25.62 12.40
CA ALA A 290 -12.16 -24.66 12.12
C ALA A 290 -11.88 -23.87 10.84
N ALA A 291 -10.60 -23.68 10.50
CA ALA A 291 -10.26 -23.03 9.24
C ALA A 291 -10.66 -23.91 8.05
N GLU A 292 -10.54 -25.23 8.18
CA GLU A 292 -11.00 -26.11 7.12
C GLU A 292 -12.51 -26.10 6.99
N GLU A 293 -13.24 -25.90 8.10
CA GLU A 293 -14.69 -25.74 8.03
C GLU A 293 -15.06 -24.53 7.17
N ALA A 294 -14.40 -23.39 7.42
CA ALA A 294 -14.61 -22.21 6.60
C ALA A 294 -14.20 -22.45 5.15
N ARG A 295 -13.20 -23.28 4.91
CA ARG A 295 -12.82 -23.62 3.54
C ARG A 295 -13.95 -24.33 2.81
N LYS A 296 -14.60 -25.28 3.49
CA LYS A 296 -15.75 -25.94 2.87
C LYS A 296 -16.89 -24.95 2.63
N ALA A 297 -17.14 -24.06 3.59
CA ALA A 297 -18.27 -23.14 3.49
C ALA A 297 -18.06 -22.09 2.40
N LEU A 298 -16.82 -21.87 1.96
CA LEU A 298 -16.57 -20.98 0.83
C LEU A 298 -16.77 -21.69 -0.49
N GLU A 299 -16.29 -22.92 -0.61
CA GLU A 299 -16.59 -23.73 -1.77
C GLU A 299 -18.08 -24.05 -1.84
N GLU A 300 -18.69 -24.32 -0.68
CA GLU A 300 -20.13 -24.57 -0.63
C GLU A 300 -20.92 -23.36 -1.09
N ALA A 301 -20.44 -22.16 -0.78
CA ALA A 301 -21.11 -20.92 -1.20
C ALA A 301 -20.78 -20.49 -2.61
N GLU A 302 -19.54 -20.74 -3.06
CA GLU A 302 -19.19 -20.39 -4.43
C GLU A 302 -19.90 -21.28 -5.44
N ALA A 303 -20.10 -22.55 -5.09
CA ALA A 303 -20.81 -23.46 -5.99
C ALA A 303 -22.24 -23.00 -6.20
N ARG A 304 -22.91 -22.51 -5.15
CA ARG A 304 -24.25 -21.98 -5.31
C ARG A 304 -24.24 -20.67 -6.10
N ARG A 305 -23.18 -19.87 -5.96
CA ARG A 305 -23.07 -18.65 -6.75
C ARG A 305 -23.08 -18.97 -8.24
N VAL A 306 -22.31 -19.98 -8.65
CA VAL A 306 -22.29 -20.38 -10.05
C VAL A 306 -23.63 -20.96 -10.47
N ALA A 307 -24.30 -21.69 -9.57
CA ALA A 307 -25.60 -22.25 -9.92
C ALA A 307 -26.63 -21.14 -10.13
N ALA A 308 -26.65 -20.14 -9.25
CA ALA A 308 -27.62 -19.06 -9.38
C ALA A 308 -27.29 -18.18 -10.58
N GLU A 309 -26.00 -17.93 -10.83
CA GLU A 309 -25.61 -17.12 -11.98
C GLU A 309 -25.93 -17.84 -13.29
N GLU A 310 -25.79 -19.17 -13.31
CA GLU A 310 -26.25 -19.94 -14.46
C GLU A 310 -27.76 -19.84 -14.63
N GLN A 311 -28.50 -20.06 -13.54
CA GLN A 311 -29.95 -20.01 -13.61
C GLN A 311 -30.44 -18.60 -13.97
N ALA A 312 -29.81 -17.57 -13.38
CA ALA A 312 -30.19 -16.21 -13.71
C ALA A 312 -29.91 -15.90 -15.18
N GLU A 313 -28.78 -16.38 -15.70
CA GLU A 313 -28.44 -16.13 -17.09
C GLU A 313 -29.41 -16.84 -18.03
N ALA A 314 -29.93 -18.01 -17.63
CA ALA A 314 -30.84 -18.75 -18.49
C ALA A 314 -32.18 -18.04 -18.64
N ARG A 315 -32.71 -17.47 -17.56
CA ARG A 315 -34.01 -16.82 -17.62
C ARG A 315 -33.97 -15.57 -18.51
N ARG A 316 -32.91 -14.78 -18.43
CA ARG A 316 -32.84 -13.57 -19.25
C ARG A 316 -32.58 -13.87 -20.71
N LEU A 317 -31.99 -15.03 -21.04
CA LEU A 317 -31.88 -15.43 -22.44
C LEU A 317 -33.23 -15.87 -22.99
N GLU A 318 -34.01 -16.60 -22.19
CA GLU A 318 -35.37 -16.95 -22.60
C GLU A 318 -36.23 -15.70 -22.76
N ALA A 319 -36.09 -14.73 -21.84
CA ALA A 319 -36.82 -13.47 -21.98
C ALA A 319 -36.37 -12.72 -23.22
N GLU A 320 -35.06 -12.70 -23.50
CA GLU A 320 -34.56 -12.03 -24.69
C GLU A 320 -35.07 -12.69 -25.96
N LYS A 321 -35.13 -14.03 -25.97
CA LYS A 321 -35.63 -14.72 -27.16
C LYS A 321 -37.08 -14.36 -27.46
N ALA A 322 -37.86 -14.08 -26.42
CA ALA A 322 -39.23 -13.60 -26.65
C ALA A 322 -39.22 -12.23 -27.32
N GLU A 323 -38.32 -11.35 -26.89
CA GLU A 323 -38.27 -10.00 -27.46
C GLU A 323 -37.86 -10.03 -28.92
N LYS A 324 -36.90 -10.89 -29.28
CA LYS A 324 -36.52 -11.02 -30.68
C LYS A 324 -37.70 -11.48 -31.52
N ALA A 325 -38.52 -12.39 -30.99
CA ALA A 325 -39.75 -12.76 -31.67
C ALA A 325 -40.70 -11.58 -31.79
N LYS A 326 -40.78 -10.75 -30.74
CA LYS A 326 -41.64 -9.57 -30.78
C LYS A 326 -41.22 -8.62 -31.90
N GLU A 327 -39.92 -8.37 -32.03
CA GLU A 327 -39.43 -7.58 -33.15
C GLU A 327 -39.61 -8.31 -34.48
N ALA A 328 -39.69 -9.64 -34.43
CA ALA A 328 -39.86 -10.47 -35.63
C ALA A 328 -41.31 -10.62 -36.05
N GLY A 329 -42.19 -9.76 -35.59
CA GLY A 329 -43.59 -9.81 -35.99
C GLY A 329 -44.51 -10.60 -35.09
N GLN A 330 -44.12 -11.84 -34.76
CA GLN A 330 -44.94 -12.71 -33.94
C GLN A 330 -44.63 -12.51 -32.46
N PRO A 331 -45.52 -11.86 -31.71
CA PRO A 331 -45.26 -11.62 -30.29
C PRO A 331 -45.77 -12.76 -29.42
N VAL A 332 -45.25 -12.82 -28.21
CA VAL A 332 -45.74 -13.76 -27.22
C VAL A 332 -46.87 -13.11 -26.43
N SER A 333 -47.69 -13.94 -25.80
CA SER A 333 -48.86 -13.43 -25.10
C SER A 333 -48.45 -12.59 -23.90
N GLU A 334 -49.44 -11.95 -23.29
CA GLU A 334 -49.15 -11.07 -22.16
C GLU A 334 -48.74 -11.88 -20.94
N GLU A 335 -49.42 -12.99 -20.66
CA GLU A 335 -49.03 -13.83 -19.53
C GLU A 335 -47.64 -14.40 -19.73
N LYS A 336 -47.33 -14.84 -20.94
CA LYS A 336 -45.99 -15.35 -21.23
C LYS A 336 -44.94 -14.26 -21.03
N LYS A 337 -45.25 -13.04 -21.48
CA LYS A 337 -44.34 -11.92 -21.25
C LYS A 337 -44.19 -11.62 -19.76
N LYS A 338 -45.29 -11.70 -19.01
CA LYS A 338 -45.21 -11.48 -17.57
C LYS A 338 -44.43 -12.60 -16.89
N MET A 339 -44.61 -13.84 -17.34
CA MET A 339 -43.93 -14.98 -16.72
C MET A 339 -42.41 -14.83 -16.81
N LEU A 340 -41.90 -14.47 -17.99
CA LEU A 340 -40.46 -14.37 -18.18
C LEU A 340 -39.85 -13.29 -17.30
N LEU A 341 -40.51 -12.14 -17.20
CA LEU A 341 -39.98 -11.05 -16.37
C LEU A 341 -40.04 -11.40 -14.89
N GLU A 342 -41.11 -12.06 -14.46
CA GLU A 342 -41.19 -12.53 -13.09
C GLU A 342 -40.13 -13.60 -12.81
N ALA A 343 -39.94 -14.52 -13.76
CA ALA A 343 -38.91 -15.53 -13.58
C ALA A 343 -37.52 -14.90 -13.48
N VAL A 344 -37.27 -13.86 -14.28
CA VAL A 344 -35.99 -13.16 -14.21
C VAL A 344 -35.83 -12.49 -12.85
N GLU A 345 -36.87 -11.79 -12.38
CA GLU A 345 -36.80 -11.15 -11.07
C GLU A 345 -36.55 -12.18 -9.97
N LYS A 346 -37.26 -13.30 -10.01
CA LYS A 346 -37.03 -14.35 -9.02
C LYS A 346 -35.63 -14.94 -9.14
N ALA A 347 -35.16 -15.12 -10.38
CA ALA A 347 -33.81 -15.64 -10.59
C ALA A 347 -32.72 -14.62 -10.29
N GLU A 348 -33.02 -13.32 -10.45
CA GLU A 348 -32.04 -12.30 -10.10
C GLU A 348 -31.93 -12.12 -8.59
N ALA A 349 -33.05 -12.25 -7.87
CA ALA A 349 -33.03 -12.12 -6.42
C ALA A 349 -32.14 -13.20 -5.80
N THR A 350 -32.36 -14.46 -6.17
CA THR A 350 -31.51 -15.54 -5.70
C THR A 350 -30.07 -15.35 -6.15
N GLU A 351 -29.88 -14.83 -7.37
CA GLU A 351 -28.53 -14.61 -7.88
C GLU A 351 -27.77 -13.60 -7.02
N LYS A 352 -28.37 -12.43 -6.78
CA LYS A 352 -27.70 -11.39 -6.02
C LYS A 352 -27.55 -11.74 -4.54
N ALA A 353 -28.37 -12.65 -4.03
CA ALA A 353 -28.21 -13.11 -2.66
C ALA A 353 -27.14 -14.19 -2.53
N ALA A 354 -26.95 -15.01 -3.58
CA ALA A 354 -25.93 -16.04 -3.54
C ALA A 354 -24.53 -15.42 -3.60
N GLU A 355 -24.31 -14.46 -4.50
CA GLU A 355 -23.00 -13.82 -4.59
C GLU A 355 -22.67 -13.04 -3.33
N LYS A 356 -23.68 -12.45 -2.69
CA LYS A 356 -23.46 -11.86 -1.36
C LYS A 356 -23.00 -12.92 -0.36
N GLN A 357 -23.61 -14.10 -0.42
CA GLN A 357 -23.22 -15.18 0.49
C GLN A 357 -21.79 -15.63 0.22
N ALA A 358 -21.41 -15.76 -1.06
CA ALA A 358 -20.04 -16.13 -1.38
C ALA A 358 -19.06 -15.00 -1.10
N LYS A 359 -19.54 -13.76 -1.13
CA LYS A 359 -18.69 -12.63 -0.76
C LYS A 359 -18.36 -12.65 0.72
N ASP A 360 -19.32 -13.02 1.57
CA ASP A 360 -19.09 -13.09 3.01
C ASP A 360 -18.33 -14.35 3.40
N SER A 361 -18.60 -15.48 2.73
CA SER A 361 -17.90 -16.71 3.07
C SER A 361 -16.40 -16.56 2.87
N ARG A 362 -15.99 -15.78 1.88
CA ARG A 362 -14.57 -15.49 1.71
C ARG A 362 -14.03 -14.69 2.90
N LYS A 363 -14.81 -13.73 3.39
CA LYS A 363 -14.40 -12.99 4.58
C LYS A 363 -14.30 -13.91 5.78
N ALA A 364 -15.13 -14.96 5.83
CA ALA A 364 -15.05 -15.92 6.93
C ALA A 364 -13.77 -16.73 6.86
N PHE A 365 -13.44 -17.27 5.68
CA PHE A 365 -12.24 -18.08 5.55
C PHE A 365 -10.98 -17.25 5.79
N GLU A 366 -10.92 -16.04 5.21
CA GLU A 366 -9.72 -15.22 5.34
C GLU A 366 -9.44 -14.87 6.79
N GLU A 367 -10.49 -14.52 7.55
CA GLU A 367 -10.31 -14.30 8.98
C GLU A 367 -9.95 -15.59 9.70
N ALA A 368 -10.63 -16.69 9.37
CA ALA A 368 -10.31 -17.97 10.00
C ALA A 368 -8.95 -18.49 9.59
N GLU A 369 -8.52 -18.19 8.36
CA GLU A 369 -7.19 -18.61 7.92
C GLU A 369 -6.10 -17.86 8.67
N GLU A 370 -6.27 -16.55 8.86
CA GLU A 370 -5.25 -15.78 9.58
C GLU A 370 -5.13 -16.24 11.03
N GLU A 371 -6.25 -16.59 11.67
CA GLU A 371 -6.20 -17.14 13.02
C GLU A 371 -5.45 -18.46 13.05
N ARG A 372 -5.51 -19.24 11.97
CA ARG A 372 -4.69 -20.45 11.86
C ARG A 372 -3.20 -20.11 11.87
N VAL A 373 -2.82 -19.05 11.15
CA VAL A 373 -1.40 -18.69 11.06
C VAL A 373 -0.86 -18.32 12.44
N LYS A 374 -1.57 -17.43 13.14
CA LYS A 374 -1.12 -16.99 14.45
C LYS A 374 -1.09 -18.14 15.45
N ALA A 375 -2.06 -19.05 15.38
CA ALA A 375 -2.07 -20.20 16.27
C ALA A 375 -0.89 -21.13 16.00
N THR A 376 -0.57 -21.33 14.71
CA THR A 376 0.56 -22.19 14.36
C THR A 376 1.89 -21.57 14.77
N GLU A 377 2.04 -20.25 14.58
CA GLU A 377 3.27 -19.56 14.98
C GLU A 377 3.48 -19.67 16.49
N ASP A 378 2.42 -19.45 17.27
CA ASP A 378 2.53 -19.54 18.73
C ASP A 378 2.76 -20.98 19.17
N ALA A 379 2.09 -21.94 18.53
CA ALA A 379 2.31 -23.35 18.88
C ALA A 379 3.71 -23.83 18.48
N GLU A 380 4.39 -23.11 17.58
CA GLU A 380 5.77 -23.45 17.26
C GLU A 380 6.74 -22.84 18.25
N ALA A 381 6.40 -21.68 18.82
CA ALA A 381 7.21 -21.11 19.90
C ALA A 381 7.15 -21.96 21.16
N ALA A 382 6.01 -22.61 21.41
CA ALA A 382 5.91 -23.53 22.54
C ALA A 382 6.72 -24.79 22.28
N LYS A 383 6.76 -25.25 21.03
CA LYS A 383 7.52 -26.45 20.71
C LYS A 383 9.02 -26.24 20.94
N GLU A 384 9.53 -25.05 20.64
CA GLU A 384 10.96 -24.79 20.85
C GLU A 384 11.29 -24.77 22.34
N GLU A 385 10.48 -24.08 23.13
CA GLU A 385 10.74 -24.01 24.57
C GLU A 385 10.69 -25.39 25.21
N LYS A 386 9.76 -26.23 24.75
CA LYS A 386 9.71 -27.61 25.24
C LYS A 386 10.97 -28.37 24.88
N LYS A 387 11.46 -28.16 23.66
CA LYS A 387 12.69 -28.82 23.21
C LYS A 387 13.95 -28.16 23.78
N ASP A 388 13.85 -26.92 24.26
CA ASP A 388 14.96 -26.32 24.98
C ASP A 388 15.06 -26.90 26.38
N ALA A 389 13.92 -27.12 27.03
CA ALA A 389 13.92 -27.74 28.34
C ALA A 389 14.21 -29.23 28.25
N GLU A 390 13.73 -29.89 27.19
CA GLU A 390 14.04 -31.30 26.99
C GLU A 390 15.54 -31.53 26.78
N GLU A 391 16.26 -30.55 26.27
CA GLU A 391 17.70 -30.69 26.09
C GLU A 391 18.48 -30.30 27.34
N SER A 392 18.18 -29.12 27.90
CA SER A 392 18.91 -28.65 29.07
C SER A 392 18.75 -29.59 30.25
N GLU A 393 17.59 -30.22 30.38
CA GLU A 393 17.36 -31.15 31.48
C GLU A 393 17.97 -32.53 31.21
N GLU A 394 17.58 -33.14 30.09
CA GLU A 394 17.96 -34.54 29.85
C GLU A 394 19.45 -34.68 29.64
N LYS A 395 20.09 -33.76 28.91
CA LYS A 395 21.53 -33.81 28.76
C LYS A 395 22.22 -33.65 30.11
N LEU A 396 21.69 -32.75 30.96
CA LEU A 396 22.17 -32.65 32.33
C LEU A 396 21.93 -33.95 33.09
N LYS A 397 20.76 -34.57 32.89
CA LYS A 397 20.45 -35.83 33.54
C LYS A 397 21.43 -36.94 33.15
N LYS A 398 22.06 -36.83 31.99
CA LYS A 398 23.06 -37.82 31.61
C LYS A 398 24.35 -37.65 32.40
N ASP A 399 24.65 -36.42 32.85
CA ASP A 399 25.85 -36.20 33.64
C ASP A 399 25.69 -36.66 35.09
N VAL A 400 24.50 -36.50 35.66
CA VAL A 400 24.27 -36.97 37.02
C VAL A 400 24.20 -38.49 37.07
N GLU A 401 23.59 -39.11 36.07
CA GLU A 401 23.55 -40.56 35.99
C GLU A 401 24.96 -41.14 35.80
N LYS A 402 25.77 -40.50 34.97
CA LYS A 402 27.13 -40.99 34.72
C LYS A 402 28.04 -40.80 35.92
N LEU A 403 27.72 -39.87 36.82
CA LEU A 403 28.46 -39.76 38.08
C LEU A 403 28.36 -41.06 38.87
N ALA A 404 27.14 -41.59 39.04
CA ALA A 404 26.96 -42.82 39.77
C ALA A 404 27.55 -44.03 39.06
N GLU A 405 27.76 -43.93 37.74
CA GLU A 405 28.25 -45.06 36.96
C GLU A 405 29.71 -45.38 37.23
N GLU A 406 30.55 -44.36 37.46
CA GLU A 406 31.97 -44.60 37.71
C GLU A 406 32.20 -45.02 39.15
N LEU A 407 31.44 -45.99 39.63
CA LEU A 407 31.52 -46.41 41.03
C LEU A 407 31.34 -47.91 41.17
N GLU B 1 23.41 26.12 -25.92
CA GLU B 1 23.00 25.08 -24.99
C GLU B 1 21.62 25.35 -24.38
N GLU B 2 20.79 24.32 -24.36
CA GLU B 2 19.43 24.48 -23.81
C GLU B 2 19.45 24.65 -22.30
N LEU B 3 20.19 23.79 -21.59
CA LEU B 3 20.24 23.79 -20.13
C LEU B 3 18.82 23.72 -19.54
N SER B 4 18.18 22.59 -19.82
CA SER B 4 16.85 22.29 -19.29
C SER B 4 16.98 21.26 -18.18
N VAL B 5 16.45 21.57 -17.01
CA VAL B 5 16.56 20.71 -15.84
C VAL B 5 15.45 19.67 -15.86
N ALA B 6 14.72 19.61 -16.98
CA ALA B 6 13.66 18.62 -17.12
C ALA B 6 14.23 17.21 -17.11
N GLN B 7 15.37 17.00 -17.75
CA GLN B 7 15.93 15.67 -17.93
C GLN B 7 17.34 15.50 -17.40
N LYS B 8 17.93 16.52 -16.79
CA LYS B 8 19.30 16.43 -16.29
C LYS B 8 19.46 17.25 -15.03
N GLN B 9 20.46 16.89 -14.23
CA GLN B 9 20.84 17.62 -13.04
C GLN B 9 22.08 18.45 -13.32
N TYR B 10 22.13 19.66 -12.76
CA TYR B 10 23.21 20.60 -13.00
C TYR B 10 23.79 21.05 -11.66
N VAL B 11 24.85 21.86 -11.73
CA VAL B 11 25.47 22.42 -10.54
C VAL B 11 24.61 23.58 -10.03
N THR B 12 24.32 23.57 -8.73
CA THR B 12 23.43 24.56 -8.15
C THR B 12 24.06 25.95 -8.15
N ALA B 13 23.22 26.97 -8.29
CA ALA B 13 23.69 28.34 -8.18
C ALA B 13 24.16 28.63 -6.76
N HIS B 14 25.37 29.14 -6.64
CA HIS B 14 26.00 29.52 -5.37
C HIS B 14 26.21 28.35 -4.43
N GLY B 15 26.04 27.12 -4.91
CA GLY B 15 26.18 25.97 -4.04
C GLY B 15 25.05 25.73 -3.07
N ARG B 16 23.87 26.30 -3.35
CA ARG B 16 22.70 26.00 -2.54
C ARG B 16 22.33 24.53 -2.64
N GLN B 17 22.09 23.90 -1.51
CA GLN B 17 21.64 22.52 -1.48
C GLN B 17 20.14 22.49 -1.22
N LEU B 18 19.57 21.28 -1.20
CA LEU B 18 18.15 21.11 -0.91
C LEU B 18 17.94 21.24 0.60
N VAL B 19 17.10 22.18 0.99
CA VAL B 19 16.93 22.52 2.40
C VAL B 19 15.62 21.90 2.90
N GLY B 20 15.42 21.96 4.22
CA GLY B 20 14.31 21.25 4.83
C GLY B 20 12.94 21.71 4.34
N GLN B 21 12.80 23.01 4.06
CA GLN B 21 11.53 23.50 3.51
C GLN B 21 11.35 23.04 2.08
N GLY B 22 12.45 22.90 1.33
CA GLY B 22 12.34 22.38 -0.02
C GLY B 22 11.86 20.94 -0.03
N ALA B 23 12.39 20.11 0.87
CA ALA B 23 11.90 18.75 1.00
C ALA B 23 10.45 18.72 1.46
N THR B 24 10.07 19.63 2.37
CA THR B 24 8.69 19.74 2.80
C THR B 24 7.77 20.03 1.63
N THR B 25 8.18 20.94 0.74
CA THR B 25 7.36 21.25 -0.43
C THR B 25 7.23 20.06 -1.36
N LEU B 26 8.33 19.36 -1.64
CA LEU B 26 8.27 18.14 -2.44
C LEU B 26 7.29 17.14 -1.86
N CYS B 27 7.37 16.92 -0.54
CA CYS B 27 6.45 16.01 0.12
C CYS B 27 5.02 16.55 0.10
N THR B 28 4.85 17.87 0.23
CA THR B 28 3.51 18.44 0.14
C THR B 28 2.91 18.21 -1.24
N MET B 29 3.70 18.38 -2.29
CA MET B 29 3.25 18.00 -3.63
C MET B 29 2.96 16.52 -3.71
N LYS B 30 3.77 15.70 -3.01
CA LYS B 30 3.56 14.25 -3.04
C LYS B 30 2.19 13.88 -2.48
N LYS B 31 1.79 14.51 -1.37
CA LYS B 31 0.49 14.22 -0.79
C LYS B 31 -0.65 14.73 -1.68
N LEU B 32 -0.41 15.80 -2.44
CA LEU B 32 -1.41 16.26 -3.40
C LEU B 32 -1.66 15.22 -4.49
N LEU B 33 -0.58 14.62 -5.01
CA LEU B 33 -0.70 13.62 -6.06
C LEU B 33 -1.42 12.37 -5.56
N ASP B 34 -1.05 11.89 -4.37
CA ASP B 34 -1.62 10.64 -3.86
C ASP B 34 -3.12 10.74 -3.66
N GLY B 35 -3.63 11.92 -3.31
CA GLY B 35 -5.04 12.11 -3.11
C GLY B 35 -5.85 12.32 -4.38
N VAL B 36 -5.21 12.28 -5.55
CA VAL B 36 -5.93 12.47 -6.80
C VAL B 36 -6.92 11.34 -7.03
N ASN B 37 -6.49 10.09 -6.80
CA ASN B 37 -7.36 8.94 -7.07
C ASN B 37 -8.62 8.98 -6.21
N SER B 38 -8.47 9.34 -4.93
CA SER B 38 -9.64 9.51 -4.08
C SER B 38 -10.45 10.74 -4.46
N ARG B 39 -9.78 11.82 -4.89
CA ARG B 39 -10.48 13.04 -5.27
C ARG B 39 -11.28 12.84 -6.56
N VAL B 40 -10.69 12.16 -7.54
CA VAL B 40 -11.39 11.92 -8.81
C VAL B 40 -12.66 11.11 -8.59
N ASP B 41 -12.56 10.07 -7.77
CA ASP B 41 -13.70 9.20 -7.52
C ASP B 41 -14.85 9.96 -6.88
N THR B 42 -14.55 10.81 -5.89
CA THR B 42 -15.61 11.58 -5.26
C THR B 42 -16.23 12.59 -6.21
N PHE B 43 -15.44 13.10 -7.17
CA PHE B 43 -15.98 14.04 -8.15
C PHE B 43 -17.00 13.38 -9.06
N GLU B 44 -16.76 12.13 -9.47
CA GLU B 44 -17.65 11.47 -10.42
C GLU B 44 -18.99 11.13 -9.78
N GLN B 45 -19.00 10.76 -8.51
CA GLN B 45 -20.26 10.46 -7.83
C GLN B 45 -21.04 11.71 -7.47
N GLN B 46 -20.40 12.88 -7.47
CA GLN B 46 -21.13 14.13 -7.30
C GLN B 46 -21.82 14.53 -8.59
N ILE B 47 -21.09 14.50 -9.71
CA ILE B 47 -21.64 14.93 -10.99
C ILE B 47 -22.81 14.05 -11.41
N LEU B 48 -22.62 12.73 -11.30
CA LEU B 48 -23.71 11.81 -11.66
C LEU B 48 -24.91 12.01 -10.76
N THR B 49 -24.68 12.27 -9.47
CA THR B 49 -25.78 12.63 -8.58
C THR B 49 -26.43 13.94 -9.02
N PHE B 50 -25.63 14.89 -9.51
CA PHE B 50 -26.17 16.18 -9.92
C PHE B 50 -26.94 16.07 -11.24
N VAL B 51 -26.37 15.37 -12.22
CA VAL B 51 -27.00 15.30 -13.53
C VAL B 51 -28.27 14.46 -13.47
N ASN B 52 -28.25 13.37 -12.70
CA ASN B 52 -29.45 12.54 -12.56
C ASN B 52 -30.59 13.30 -11.93
N ASN B 53 -30.31 14.07 -10.87
CA ASN B 53 -31.34 14.89 -10.25
C ASN B 53 -31.86 15.96 -11.21
N ALA B 54 -30.98 16.52 -12.04
CA ALA B 54 -31.43 17.48 -13.05
C ALA B 54 -32.27 16.81 -14.12
N ASN B 55 -31.81 15.65 -14.62
CA ASN B 55 -32.62 14.92 -15.58
C ASN B 55 -33.88 14.34 -14.94
N ALA B 56 -33.83 14.02 -13.64
CA ALA B 56 -35.04 13.55 -12.96
C ALA B 56 -36.09 14.65 -12.89
N ASN B 57 -35.69 15.88 -12.56
CA ASN B 57 -36.65 16.99 -12.51
C ASN B 57 -37.18 17.33 -13.89
N PHE B 58 -36.36 17.17 -14.94
CA PHE B 58 -36.83 17.43 -16.29
C PHE B 58 -37.93 16.44 -16.69
N ARG B 59 -37.70 15.14 -16.45
CA ARG B 59 -38.72 14.14 -16.75
C ARG B 59 -39.95 14.34 -15.87
N LYS B 60 -39.74 14.62 -14.58
CA LYS B 60 -40.85 14.84 -13.66
C LYS B 60 -41.78 15.94 -14.16
N ILE B 61 -41.21 17.07 -14.60
CA ILE B 61 -42.01 18.13 -15.19
C ILE B 61 -42.63 17.65 -16.49
N SER B 62 -41.86 16.94 -17.32
CA SER B 62 -42.34 16.54 -18.65
C SER B 62 -43.41 15.45 -18.56
N ASP B 63 -43.28 14.51 -17.61
CA ASP B 63 -44.26 13.44 -17.53
C ASP B 63 -45.58 13.91 -16.95
N ASP B 64 -45.54 14.79 -15.96
CA ASP B 64 -46.77 15.39 -15.44
C ASP B 64 -47.31 16.38 -16.46
N LYS B 65 -48.23 15.92 -17.30
CA LYS B 65 -48.59 16.67 -18.51
C LYS B 65 -49.26 18.01 -18.18
N VAL B 66 -49.98 18.10 -17.08
CA VAL B 66 -50.54 19.39 -16.68
C VAL B 66 -49.43 20.39 -16.39
N MET B 67 -48.38 19.94 -15.69
CA MET B 67 -47.21 20.77 -15.46
C MET B 67 -46.33 20.88 -16.70
N ALA B 68 -46.33 19.84 -17.56
CA ALA B 68 -45.53 19.88 -18.77
C ALA B 68 -46.02 20.89 -19.78
N ALA B 69 -47.25 21.37 -19.64
CA ALA B 69 -47.78 22.42 -20.49
C ALA B 69 -47.70 23.75 -19.75
N SER B 70 -48.28 24.79 -20.34
CA SER B 70 -48.37 26.12 -19.75
C SER B 70 -47.01 26.72 -19.41
N LEU B 71 -45.95 26.25 -20.07
CA LEU B 71 -44.62 26.82 -19.89
C LEU B 71 -44.25 27.62 -21.13
N SER B 72 -43.29 28.53 -20.96
CA SER B 72 -42.82 29.35 -22.06
C SER B 72 -42.19 28.46 -23.13
N ALA B 73 -42.73 28.50 -24.35
CA ALA B 73 -42.26 27.64 -25.42
C ALA B 73 -40.76 27.78 -25.65
N SER B 74 -40.25 29.00 -25.60
CA SER B 74 -38.82 29.22 -25.74
C SER B 74 -38.05 28.71 -24.52
N ARG B 75 -38.67 28.76 -23.33
CA ARG B 75 -38.02 28.20 -22.14
C ARG B 75 -37.82 26.70 -22.27
N LEU B 76 -38.67 26.02 -23.05
CA LEU B 76 -38.45 24.62 -23.37
C LEU B 76 -37.05 24.40 -23.95
N GLN B 77 -36.67 25.23 -24.92
CA GLN B 77 -35.34 25.13 -25.52
C GLN B 77 -34.25 25.37 -24.49
N GLU B 78 -34.50 26.24 -23.50
CA GLU B 78 -33.51 26.47 -22.46
C GLU B 78 -33.24 25.20 -21.66
N MET B 79 -34.28 24.40 -21.43
CA MET B 79 -34.13 23.14 -20.70
C MET B 79 -33.31 22.14 -21.51
N GLN B 80 -33.59 22.00 -22.81
CA GLN B 80 -32.83 21.07 -23.62
C GLN B 80 -31.38 21.50 -23.76
N TYR B 81 -31.12 22.81 -23.77
CA TYR B 81 -29.74 23.29 -23.74
C TYR B 81 -29.02 22.79 -22.49
N MET B 82 -29.73 22.71 -21.37
CA MET B 82 -29.13 22.17 -20.15
C MET B 82 -28.82 20.68 -20.30
N LYS B 83 -29.77 19.91 -20.86
CA LYS B 83 -29.52 18.48 -21.09
C LYS B 83 -28.42 18.27 -22.12
N SER B 84 -28.44 19.05 -23.22
CA SER B 84 -27.39 18.93 -24.22
C SER B 84 -26.03 19.27 -23.65
N LEU B 85 -25.99 20.09 -22.59
CA LEU B 85 -24.76 20.43 -21.91
C LEU B 85 -24.50 19.55 -20.70
N GLY B 86 -25.53 19.25 -19.91
CA GLY B 86 -25.40 18.41 -18.73
C GLY B 86 -24.92 17.01 -19.04
N ASN B 87 -25.54 16.37 -20.04
CA ASN B 87 -25.11 15.04 -20.44
C ASN B 87 -23.70 15.06 -21.03
N SER B 88 -23.37 16.10 -21.79
CA SER B 88 -22.02 16.20 -22.34
C SER B 88 -20.95 16.27 -21.25
N ILE B 89 -21.32 16.72 -20.05
CA ILE B 89 -20.39 16.68 -18.93
C ILE B 89 -20.03 15.22 -18.61
N ILE B 90 -21.03 14.34 -18.60
CA ILE B 90 -20.78 12.92 -18.36
C ILE B 90 -19.89 12.34 -19.46
N LYS B 91 -20.00 12.87 -20.68
CA LYS B 91 -19.17 12.40 -21.78
C LYS B 91 -17.68 12.57 -21.48
N TYR B 92 -17.26 13.81 -21.25
CA TYR B 92 -15.84 14.07 -20.98
C TYR B 92 -15.43 13.71 -19.56
N MET B 93 -16.38 13.39 -18.68
CA MET B 93 -16.05 13.05 -17.30
C MET B 93 -15.20 11.78 -17.23
N GLY B 94 -15.58 10.76 -17.99
CA GLY B 94 -14.89 9.48 -17.89
C GLY B 94 -13.45 9.53 -18.34
N GLU B 95 -13.18 10.21 -19.47
CA GLU B 95 -11.83 10.23 -20.00
C GLU B 95 -10.90 11.10 -19.14
N THR B 96 -11.39 12.24 -18.68
CA THR B 96 -10.57 13.15 -17.88
C THR B 96 -10.16 12.50 -16.56
N GLY B 97 -11.09 11.82 -15.90
CA GLY B 97 -10.76 11.15 -14.65
C GLY B 97 -9.67 10.11 -14.81
N LYS B 98 -9.79 9.27 -15.84
CA LYS B 98 -8.77 8.26 -16.09
C LYS B 98 -7.45 8.89 -16.50
N ARG B 99 -7.50 9.98 -17.27
CA ARG B 99 -6.26 10.67 -17.62
C ARG B 99 -5.66 11.38 -16.42
N ALA B 100 -6.52 11.94 -15.55
CA ALA B 100 -6.02 12.57 -14.33
C ALA B 100 -5.41 11.54 -13.39
N LYS B 101 -6.04 10.38 -13.24
CA LYS B 101 -5.48 9.32 -12.40
C LYS B 101 -4.16 8.81 -12.97
N ALA B 102 -4.10 8.61 -14.28
CA ALA B 102 -2.88 8.10 -14.91
C ALA B 102 -1.73 9.08 -14.79
N ALA B 103 -1.99 10.36 -15.09
CA ALA B 103 -0.94 11.36 -14.99
C ALA B 103 -0.46 11.52 -13.55
N ALA B 104 -1.36 11.33 -12.58
CA ALA B 104 -0.97 11.43 -11.17
C ALA B 104 -0.03 10.30 -10.76
N ALA B 105 -0.39 9.06 -11.12
CA ALA B 105 0.48 7.93 -10.79
C ALA B 105 1.81 8.04 -11.52
N ALA B 106 1.79 8.58 -12.75
CA ALA B 106 3.02 8.74 -13.51
C ALA B 106 3.99 9.69 -12.82
N ALA B 107 3.48 10.84 -12.36
CA ALA B 107 4.33 11.80 -11.66
C ALA B 107 4.64 11.36 -10.24
N SER B 108 3.76 10.59 -9.62
CA SER B 108 4.00 10.14 -8.25
C SER B 108 5.21 9.22 -8.17
N ALA B 109 5.33 8.27 -9.11
CA ALA B 109 6.44 7.34 -9.06
C ALA B 109 7.76 8.03 -9.37
N ALA B 110 7.76 8.94 -10.35
CA ALA B 110 8.99 9.68 -10.67
C ALA B 110 9.43 10.53 -9.48
N LEU B 111 8.49 11.19 -8.81
CA LEU B 111 8.83 11.97 -7.62
C LEU B 111 9.38 11.09 -6.51
N ASP B 112 8.80 9.91 -6.31
CA ASP B 112 9.28 8.98 -5.29
C ASP B 112 10.75 8.63 -5.49
N GLU B 113 11.13 8.34 -6.74
CA GLU B 113 12.51 8.00 -7.04
C GLU B 113 13.45 9.14 -6.68
N VAL B 114 13.05 10.38 -6.96
CA VAL B 114 13.86 11.53 -6.54
C VAL B 114 13.92 11.60 -5.03
N LEU B 115 12.80 11.36 -4.36
CA LEU B 115 12.77 11.44 -2.89
C LEU B 115 13.74 10.44 -2.26
N LYS B 116 13.81 9.22 -2.81
CA LYS B 116 14.63 8.20 -2.18
C LYS B 116 16.12 8.41 -2.43
N TRP B 117 16.50 8.84 -3.64
CA TRP B 117 17.88 8.72 -4.09
C TRP B 117 18.58 10.04 -4.36
N HIS B 118 17.91 11.18 -4.23
CA HIS B 118 18.60 12.44 -4.53
C HIS B 118 19.73 12.71 -3.54
N CYS B 119 19.51 12.41 -2.25
CA CYS B 119 20.50 12.67 -1.23
C CYS B 119 21.52 11.54 -1.07
N VAL B 120 21.25 10.36 -1.61
CA VAL B 120 22.10 9.20 -1.40
C VAL B 120 23.24 9.19 -2.41
N ASP B 121 24.44 8.89 -1.93
CA ASP B 121 25.63 8.82 -2.78
C ASP B 121 25.72 7.42 -3.37
N ARG B 122 25.44 7.30 -4.66
CA ARG B 122 25.46 6.01 -5.35
C ARG B 122 26.79 5.83 -6.07
N THR B 123 27.84 5.67 -5.28
CA THR B 123 29.20 5.56 -5.79
C THR B 123 29.54 4.15 -6.27
N SER B 131 26.46 0.75 4.63
CA SER B 131 25.66 1.85 5.15
C SER B 131 25.73 3.04 4.20
N SER B 132 24.88 3.02 3.16
CA SER B 132 24.92 4.01 2.09
C SER B 132 24.97 5.42 2.65
N THR B 133 25.84 6.24 2.07
CA THR B 133 26.26 7.53 2.61
C THR B 133 25.58 8.69 1.87
N PRO B 134 25.43 9.83 2.54
CA PRO B 134 24.82 10.99 1.87
C PRO B 134 25.80 11.72 0.97
N ASN B 135 25.25 12.27 -0.11
CA ASN B 135 25.99 13.20 -0.96
C ASN B 135 25.70 14.64 -0.53
N ALA B 136 26.39 15.57 -1.19
CA ALA B 136 26.35 16.98 -0.82
C ALA B 136 25.18 17.74 -1.45
N ASN B 137 24.17 17.02 -1.96
CA ASN B 137 23.04 17.70 -2.59
C ASN B 137 21.99 18.16 -1.60
N CYS B 138 21.98 17.61 -0.37
CA CYS B 138 20.91 17.85 0.58
C CYS B 138 21.48 18.38 1.89
N GLU B 139 20.86 19.42 2.42
CA GLU B 139 21.11 19.81 3.80
C GLU B 139 20.59 18.71 4.72
N PRO B 140 21.31 18.36 5.80
CA PRO B 140 20.84 17.30 6.71
C PRO B 140 19.39 17.40 7.10
N ASN B 141 18.87 18.63 7.21
CA ASN B 141 17.48 18.84 7.55
C ASN B 141 16.52 18.28 6.50
N ALA B 142 16.99 18.06 5.27
CA ALA B 142 16.11 17.62 4.18
C ALA B 142 15.71 16.16 4.29
N TYR B 143 16.55 15.31 4.91
CA TYR B 143 16.24 13.90 5.07
C TYR B 143 16.05 13.53 6.53
N LYS B 144 15.65 14.52 7.35
CA LYS B 144 15.45 14.34 8.77
C LYS B 144 14.04 13.85 9.06
N ARG B 145 13.93 12.87 9.95
CA ARG B 145 12.63 12.31 10.35
C ARG B 145 12.08 13.17 11.48
N ASP B 146 11.26 14.16 11.11
CA ASP B 146 10.79 15.13 12.10
C ASP B 146 9.74 14.52 13.03
N TYR B 147 8.80 13.76 12.48
CA TYR B 147 7.80 13.10 13.30
C TYR B 147 8.29 11.69 13.67
N TYR B 148 7.71 11.16 14.76
CA TYR B 148 8.25 9.95 15.36
C TYR B 148 8.27 8.79 14.36
N TYR B 149 9.41 8.10 14.32
CA TYR B 149 9.59 6.98 13.40
C TYR B 149 10.69 6.08 13.95
N GLU B 150 10.32 4.90 14.44
CA GLU B 150 11.34 3.89 14.69
C GLU B 150 11.54 3.08 13.41
N HIS B 151 12.53 2.18 13.45
CA HIS B 151 13.32 1.66 12.33
C HIS B 151 14.38 2.70 12.00
N SER B 152 14.46 3.81 12.74
CA SER B 152 15.48 4.82 12.55
C SER B 152 16.71 4.59 13.42
N ARG B 153 16.54 3.90 14.55
CA ARG B 153 17.69 3.57 15.40
C ARG B 153 18.68 2.69 14.66
N LEU B 154 18.19 1.88 13.72
CA LEU B 154 19.02 1.18 12.75
C LEU B 154 18.30 1.33 11.41
N ASP B 155 18.68 2.34 10.64
CA ASP B 155 17.87 2.78 9.51
C ASP B 155 18.50 2.39 8.19
N PRO B 156 17.91 1.46 7.43
CA PRO B 156 18.41 1.18 6.08
C PRO B 156 18.01 2.24 5.06
N HIS B 157 16.94 2.98 5.32
CA HIS B 157 16.44 3.99 4.38
C HIS B 157 16.82 5.41 4.79
N LYS B 158 17.83 5.56 5.64
CA LYS B 158 18.30 6.89 6.00
C LYS B 158 18.85 7.60 4.77
N TYR B 159 18.73 8.93 4.77
CA TYR B 159 19.07 9.83 3.67
C TYR B 159 18.08 9.74 2.51
N SER B 160 16.99 8.99 2.69
CA SER B 160 15.86 8.99 1.78
C SER B 160 14.70 9.70 2.46
N ILE B 161 14.15 10.71 1.82
CA ILE B 161 13.12 11.53 2.43
C ILE B 161 11.83 10.70 2.56
N LEU B 162 11.38 10.51 3.80
CA LEU B 162 10.15 9.77 4.08
C LEU B 162 9.05 10.79 4.36
N CYS B 163 8.14 10.95 3.39
CA CYS B 163 7.27 12.12 3.37
C CYS B 163 6.19 12.10 4.44
N ASN B 164 5.72 10.93 4.86
CA ASN B 164 4.77 10.85 5.96
C ASN B 164 5.45 10.93 7.32
N TYR B 165 6.69 11.42 7.36
CA TYR B 165 7.34 11.81 8.61
C TYR B 165 7.94 13.20 8.54
N LYS B 166 7.82 13.89 7.41
CA LYS B 166 8.21 15.29 7.25
C LYS B 166 7.04 16.23 7.43
N VAL B 167 5.91 15.93 6.77
CA VAL B 167 4.74 16.79 6.77
C VAL B 167 3.51 15.94 7.09
N VAL B 168 2.70 16.39 8.03
CA VAL B 168 1.41 15.80 8.32
C VAL B 168 0.37 16.47 7.43
N SER B 169 -0.63 15.70 7.01
CA SER B 169 -1.62 16.21 6.08
C SER B 169 -2.36 17.41 6.67
N SER B 170 -2.30 18.55 5.97
CA SER B 170 -2.94 19.77 6.43
C SER B 170 -3.83 20.35 5.35
N THR B 171 -4.28 21.59 5.53
CA THR B 171 -5.15 22.22 4.55
C THR B 171 -4.44 22.39 3.21
N THR B 172 -3.11 22.49 3.21
CA THR B 172 -2.38 22.65 1.96
C THR B 172 -2.27 21.34 1.17
N THR B 173 -2.32 20.20 1.85
CA THR B 173 -2.17 18.91 1.19
C THR B 173 -3.45 18.42 0.52
N GLN B 174 -4.58 19.11 0.73
CA GLN B 174 -5.83 18.68 0.12
C GLN B 174 -5.74 18.77 -1.40
N THR B 175 -6.18 17.72 -2.09
CA THR B 175 -6.03 17.66 -3.54
C THR B 175 -7.00 18.59 -4.24
N THR B 176 -6.60 19.86 -4.41
CA THR B 176 -7.34 20.84 -5.19
C THR B 176 -6.37 21.54 -6.12
N PHE B 177 -6.93 22.23 -7.12
CA PHE B 177 -6.07 22.90 -8.09
C PHE B 177 -5.33 24.08 -7.47
N SER B 178 -5.95 24.77 -6.51
CA SER B 178 -5.30 25.92 -5.88
C SER B 178 -4.15 25.48 -4.96
N ASN B 179 -4.30 24.34 -4.29
CA ASN B 179 -3.22 23.84 -3.43
C ASN B 179 -2.06 23.31 -4.27
N MET B 180 -2.37 22.67 -5.40
CA MET B 180 -1.31 22.14 -6.27
C MET B 180 -0.51 23.26 -6.90
N GLU B 181 -1.19 24.30 -7.40
CA GLU B 181 -0.50 25.39 -8.09
C GLU B 181 0.42 26.15 -7.14
N ARG B 182 -0.08 26.51 -5.95
CA ARG B 182 0.74 27.27 -5.02
C ARG B 182 1.92 26.45 -4.50
N ALA B 183 1.77 25.13 -4.43
CA ALA B 183 2.89 24.29 -4.02
C ALA B 183 3.98 24.26 -5.09
N LEU B 184 3.59 24.29 -6.37
CA LEU B 184 4.58 24.38 -7.43
C LEU B 184 5.28 25.74 -7.41
N GLU B 185 4.53 26.81 -7.14
CA GLU B 185 5.13 28.13 -7.09
C GLU B 185 6.08 28.28 -5.91
N ILE B 186 5.84 27.56 -4.82
CA ILE B 186 6.78 27.54 -3.70
C ILE B 186 8.02 26.74 -4.07
N TRP B 187 7.82 25.61 -4.76
CA TRP B 187 8.95 24.77 -5.16
C TRP B 187 9.92 25.54 -6.05
N ASN B 188 9.40 26.25 -7.06
CA ASN B 188 10.26 26.99 -7.97
C ASN B 188 11.14 28.00 -7.23
N GLN B 189 10.58 28.62 -6.18
CA GLN B 189 11.27 29.69 -5.46
C GLN B 189 12.40 29.14 -4.59
N VAL B 190 12.16 28.04 -3.86
CA VAL B 190 13.14 27.54 -2.89
C VAL B 190 14.06 26.46 -3.44
N LYS B 191 13.79 25.94 -4.63
CA LYS B 191 14.59 24.84 -5.15
C LYS B 191 16.00 25.33 -5.51
N PRO B 192 17.00 24.46 -5.39
CA PRO B 192 18.33 24.78 -5.94
C PRO B 192 18.26 24.88 -7.47
N LYS B 193 18.66 26.06 -7.99
CA LYS B 193 18.60 26.37 -9.40
C LYS B 193 19.96 26.18 -10.07
N PRO B 194 19.98 25.80 -11.34
CA PRO B 194 21.26 25.47 -12.00
C PRO B 194 22.12 26.69 -12.23
N TYR B 195 23.43 26.47 -12.28
CA TYR B 195 24.38 27.54 -12.56
C TYR B 195 24.13 28.10 -13.96
N HIS B 196 23.92 29.41 -14.03
CA HIS B 196 23.42 30.05 -15.25
C HIS B 196 24.52 30.44 -16.23
N MET B 197 25.74 30.67 -15.74
CA MET B 197 26.79 31.21 -16.60
C MET B 197 27.56 30.14 -17.38
N ARG B 198 27.40 28.87 -17.04
CA ARG B 198 28.28 27.83 -17.58
C ARG B 198 27.59 26.48 -17.45
N VAL B 199 27.40 25.80 -18.58
CA VAL B 199 26.70 24.52 -18.56
C VAL B 199 27.55 23.49 -17.83
N MET B 200 27.00 22.93 -16.75
CA MET B 200 27.74 22.03 -15.84
C MET B 200 26.81 20.91 -15.41
N ILE B 201 26.88 19.78 -16.12
CA ILE B 201 26.01 18.65 -15.88
C ILE B 201 26.62 17.74 -14.82
N CYS B 202 25.78 17.31 -13.87
CA CYS B 202 26.24 16.53 -12.73
C CYS B 202 26.30 15.04 -13.05
N GLY B 203 27.36 14.39 -12.58
CA GLY B 203 27.46 12.95 -12.71
C GLY B 203 27.62 12.50 -14.15
N ALA B 204 26.99 11.37 -14.46
CA ALA B 204 27.05 10.80 -15.80
C ALA B 204 25.88 11.30 -16.64
N GLY B 205 26.12 11.36 -17.95
CA GLY B 205 25.14 11.87 -18.88
C GLY B 205 25.74 12.80 -19.91
N ALA B 206 26.82 13.50 -19.52
CA ALA B 206 27.56 14.33 -20.46
C ALA B 206 29.01 14.48 -20.00
N PRO B 207 29.96 14.00 -20.78
CA PRO B 207 31.37 14.16 -20.41
C PRO B 207 31.95 15.48 -20.89
N ALA B 208 33.27 15.63 -20.74
CA ALA B 208 34.03 16.73 -21.32
C ALA B 208 33.80 18.05 -20.59
N HIS B 209 34.09 19.17 -21.27
CA HIS B 209 34.10 20.49 -20.64
C HIS B 209 32.78 20.87 -19.99
N GLN B 210 31.72 20.09 -20.17
CA GLN B 210 30.45 20.30 -19.48
C GLN B 210 30.30 19.44 -18.23
N ALA B 211 31.29 18.60 -17.90
CA ALA B 211 31.23 17.81 -16.69
C ALA B 211 31.40 18.69 -15.46
N ALA B 212 31.03 18.14 -14.30
CA ALA B 212 31.04 18.89 -13.06
C ALA B 212 32.05 18.30 -12.09
N PRO B 213 32.88 19.12 -11.45
CA PRO B 213 33.77 18.60 -10.40
C PRO B 213 32.98 18.04 -9.23
N ALA B 214 33.50 16.97 -8.66
CA ALA B 214 32.81 16.27 -7.58
C ALA B 214 32.89 17.07 -6.29
N GLY B 215 31.75 17.17 -5.59
CA GLY B 215 31.66 17.90 -4.34
C GLY B 215 30.61 19.00 -4.37
N ARG B 216 30.40 19.62 -5.53
CA ARG B 216 29.41 20.67 -5.68
C ARG B 216 27.99 20.08 -5.65
N PRO B 217 27.05 20.75 -4.98
CA PRO B 217 25.67 20.25 -4.96
C PRO B 217 25.05 20.28 -6.35
N CYS B 218 24.09 19.38 -6.57
CA CYS B 218 23.43 19.23 -7.86
C CYS B 218 21.95 19.57 -7.74
N THR B 219 21.36 19.98 -8.86
CA THR B 219 19.94 20.31 -8.88
C THR B 219 19.09 19.04 -8.72
N VAL B 220 17.82 19.25 -8.41
CA VAL B 220 16.86 18.15 -8.30
C VAL B 220 16.31 17.84 -9.68
N LEU B 221 16.28 16.56 -10.03
CA LEU B 221 15.71 16.16 -11.30
C LEU B 221 14.20 16.38 -11.29
N GLU B 222 13.69 17.02 -12.34
CA GLU B 222 12.29 17.39 -12.45
C GLU B 222 11.58 16.62 -13.56
N ASN B 223 11.97 15.35 -13.76
CA ASN B 223 11.27 14.48 -14.72
C ASN B 223 9.78 14.39 -14.42
N TRP B 224 9.41 14.45 -13.14
CA TRP B 224 8.02 14.35 -12.69
C TRP B 224 7.19 15.59 -13.02
N LEU B 225 7.81 16.69 -13.44
CA LEU B 225 7.09 17.96 -13.49
C LEU B 225 5.97 17.95 -14.53
N TRP B 226 6.24 17.45 -15.74
CA TRP B 226 5.26 17.57 -16.82
C TRP B 226 3.96 16.82 -16.49
N ASN B 227 4.08 15.64 -15.88
CA ASN B 227 2.86 14.92 -15.48
C ASN B 227 2.14 15.61 -14.34
N TYR B 228 2.90 16.15 -13.38
CA TYR B 228 2.29 16.90 -12.27
C TYR B 228 1.45 18.06 -12.77
N ARG B 229 2.04 18.89 -13.64
CA ARG B 229 1.31 20.03 -14.19
C ARG B 229 0.07 19.58 -14.97
N VAL B 230 0.18 18.48 -15.72
CA VAL B 230 -0.97 17.95 -16.44
C VAL B 230 -2.01 17.41 -15.46
N THR B 231 -1.56 16.74 -14.40
CA THR B 231 -2.48 16.24 -13.37
C THR B 231 -3.30 17.37 -12.76
N ALA B 232 -2.62 18.47 -12.39
CA ALA B 232 -3.30 19.59 -11.74
C ALA B 232 -4.36 20.19 -12.64
N HIS B 233 -4.05 20.39 -13.92
CA HIS B 233 -5.01 20.99 -14.84
C HIS B 233 -6.25 20.11 -14.99
N LEU B 234 -6.05 18.79 -15.08
CA LEU B 234 -7.18 17.87 -15.20
C LEU B 234 -8.05 17.90 -13.94
N ILE B 235 -7.42 17.96 -12.76
CA ILE B 235 -8.17 18.09 -11.52
C ILE B 235 -8.96 19.40 -11.53
N ALA B 236 -8.37 20.47 -12.06
CA ALA B 236 -9.07 21.74 -12.16
C ALA B 236 -10.31 21.62 -13.04
N LYS B 237 -10.20 20.90 -14.17
CA LYS B 237 -11.35 20.71 -15.05
C LYS B 237 -12.49 19.99 -14.33
N LEU B 238 -12.16 18.92 -13.59
CA LEU B 238 -13.19 18.18 -12.86
C LEU B 238 -13.87 19.05 -11.82
N GLU B 239 -13.13 19.97 -11.20
CA GLU B 239 -13.72 20.86 -10.21
C GLU B 239 -14.82 21.73 -10.83
N LYS B 240 -14.55 22.34 -11.98
CA LYS B 240 -15.53 23.21 -12.61
C LYS B 240 -16.71 22.43 -13.18
N ASP B 241 -16.50 21.16 -13.54
CA ASP B 241 -17.62 20.33 -13.98
C ASP B 241 -18.57 20.03 -12.82
N ALA B 242 -18.04 19.88 -11.61
CA ALA B 242 -18.89 19.73 -10.44
C ALA B 242 -19.64 21.02 -10.12
N THR B 243 -18.97 22.16 -10.29
CA THR B 243 -19.64 23.44 -10.10
C THR B 243 -20.76 23.63 -11.12
N LEU B 244 -20.48 23.29 -12.39
CA LEU B 244 -21.47 23.42 -13.45
C LEU B 244 -22.55 22.35 -13.39
N ALA B 245 -22.25 21.19 -12.81
CA ALA B 245 -23.26 20.16 -12.66
C ALA B 245 -24.29 20.56 -11.59
N LEU B 246 -23.81 21.12 -10.49
CA LEU B 246 -24.74 21.62 -9.47
C LEU B 246 -25.59 22.76 -10.02
N ARG B 247 -24.98 23.68 -10.77
CA ARG B 247 -25.72 24.82 -11.30
C ARG B 247 -26.82 24.37 -12.26
N VAL B 248 -26.56 23.32 -13.04
CA VAL B 248 -27.58 22.78 -13.93
C VAL B 248 -28.75 22.21 -13.13
N MET B 249 -28.44 21.41 -12.10
CA MET B 249 -29.51 20.82 -11.30
C MET B 249 -30.29 21.89 -10.55
N ARG B 250 -29.60 22.92 -10.05
CA ARG B 250 -30.29 23.98 -9.33
C ARG B 250 -31.20 24.78 -10.24
N TYR B 251 -30.87 24.86 -11.54
CA TYR B 251 -31.80 25.44 -12.49
C TYR B 251 -33.03 24.57 -12.67
N SER B 252 -32.85 23.25 -12.64
CA SER B 252 -33.98 22.33 -12.77
C SER B 252 -34.91 22.46 -11.58
N GLU B 253 -34.37 22.65 -10.38
CA GLU B 253 -35.20 22.86 -9.20
C GLU B 253 -35.93 24.19 -9.26
N LYS B 254 -35.30 25.22 -9.83
CA LYS B 254 -35.96 26.51 -9.95
C LYS B 254 -37.12 26.47 -10.95
N VAL B 255 -36.96 25.70 -12.02
CA VAL B 255 -38.05 25.56 -12.99
C VAL B 255 -39.10 24.59 -12.47
N LEU B 256 -38.70 23.62 -11.64
CA LEU B 256 -39.65 22.67 -11.06
C LEU B 256 -40.77 23.38 -10.31
N GLU B 257 -40.40 24.30 -9.42
CA GLU B 257 -41.39 25.10 -8.71
C GLU B 257 -41.78 26.30 -9.56
N GLY B 258 -43.08 26.49 -9.76
CA GLY B 258 -43.57 27.57 -10.57
C GLY B 258 -43.61 28.90 -9.85
N ASP B 259 -42.66 29.11 -8.93
CA ASP B 259 -42.59 30.32 -8.10
C ASP B 259 -43.89 30.52 -7.32
N LYS B 260 -44.19 29.54 -6.46
CA LYS B 260 -45.33 29.60 -5.57
C LYS B 260 -44.91 30.11 -4.20
N GLU B 261 -45.90 30.35 -3.35
CA GLU B 261 -45.69 30.81 -1.97
C GLU B 261 -44.91 32.13 -1.94
N SER B 262 -45.57 33.16 -2.47
CA SER B 262 -44.98 34.50 -2.52
C SER B 262 -44.56 34.96 -1.12
N LEU B 263 -43.25 35.08 -0.91
CA LEU B 263 -42.68 35.48 0.39
C LEU B 263 -43.26 34.64 1.53
N ALA B 264 -43.57 33.38 1.24
CA ALA B 264 -44.00 32.41 2.23
C ALA B 264 -43.12 31.17 2.26
N GLN B 265 -42.51 30.78 1.15
CA GLN B 265 -41.51 29.73 1.13
C GLN B 265 -40.19 30.20 0.52
N HIS B 266 -40.12 31.42 0.00
CA HIS B 266 -38.86 32.07 -0.29
C HIS B 266 -38.39 32.92 0.88
N GLU B 267 -39.11 32.86 2.00
CA GLU B 267 -38.63 33.27 3.31
C GLU B 267 -38.53 32.09 4.27
N GLU B 268 -39.42 31.10 4.14
CA GLU B 268 -39.34 29.89 4.94
C GLU B 268 -38.00 29.17 4.74
N ARG B 269 -37.64 28.93 3.47
CA ARG B 269 -36.34 28.34 3.17
C ARG B 269 -35.20 29.29 3.50
N ARG B 270 -35.38 30.58 3.19
CA ARG B 270 -34.33 31.57 3.45
C ARG B 270 -34.00 31.64 4.94
N LYS B 271 -35.03 31.73 5.79
CA LYS B 271 -34.78 31.69 7.23
C LYS B 271 -34.17 30.37 7.66
N ALA B 272 -34.42 29.29 6.90
CA ALA B 272 -33.81 28.00 7.23
C ALA B 272 -32.39 27.90 6.72
N ALA B 273 -32.14 28.39 5.49
CA ALA B 273 -30.80 28.31 4.92
C ALA B 273 -29.82 29.22 5.66
N GLU B 274 -30.24 30.44 6.01
CA GLU B 274 -29.37 31.33 6.79
C GLU B 274 -29.09 30.75 8.17
N ALA B 275 -30.11 30.17 8.81
CA ALA B 275 -29.94 29.58 10.13
C ALA B 275 -29.04 28.35 10.13
N ARG B 276 -28.77 27.76 8.96
CA ARG B 276 -27.83 26.66 8.85
C ARG B 276 -26.43 27.12 8.45
N ALA B 277 -26.32 28.04 7.48
CA ALA B 277 -25.01 28.50 7.04
C ALA B 277 -24.24 29.14 8.19
N ALA B 278 -24.92 29.95 9.00
CA ALA B 278 -24.27 30.53 10.17
C ALA B 278 -23.96 29.47 11.22
N GLU B 279 -24.73 28.39 11.26
CA GLU B 279 -24.48 27.32 12.22
C GLU B 279 -23.27 26.47 11.83
N GLU B 280 -23.14 26.14 10.54
CA GLU B 280 -22.04 25.28 10.12
C GLU B 280 -20.69 25.99 10.23
N GLU B 281 -20.63 27.25 9.76
CA GLU B 281 -19.41 28.03 9.90
C GLU B 281 -19.07 28.24 11.37
N ALA B 282 -20.10 28.36 12.22
CA ALA B 282 -19.87 28.37 13.67
C ALA B 282 -19.21 27.08 14.11
N LYS B 283 -19.72 25.94 13.61
CA LYS B 283 -19.12 24.64 13.90
C LYS B 283 -17.81 24.43 13.15
N ARG B 284 -17.66 25.03 11.97
CA ARG B 284 -16.42 24.89 11.21
C ARG B 284 -15.24 25.48 11.98
N GLN B 285 -15.38 26.72 12.45
CA GLN B 285 -14.31 27.36 13.22
C GLN B 285 -14.21 26.85 14.65
N ALA B 286 -15.07 25.90 15.04
CA ALA B 286 -14.96 25.19 16.30
C ALA B 286 -14.31 23.83 16.16
N ALA B 287 -14.63 23.09 15.10
CA ALA B 287 -13.89 21.88 14.78
C ALA B 287 -12.50 22.19 14.24
N GLU B 288 -12.28 23.43 13.80
CA GLU B 288 -10.96 23.86 13.37
C GLU B 288 -10.14 24.40 14.53
N LYS B 289 -10.78 25.04 15.51
CA LYS B 289 -10.07 25.44 16.73
C LYS B 289 -9.63 24.22 17.53
N ALA B 290 -10.46 23.19 17.59
CA ALA B 290 -10.07 21.94 18.25
C ALA B 290 -8.98 21.22 17.47
N ALA B 291 -9.06 21.26 16.13
CA ALA B 291 -7.99 20.69 15.32
C ALA B 291 -6.71 21.50 15.47
N GLU B 292 -6.83 22.83 15.59
CA GLU B 292 -5.66 23.67 15.73
C GLU B 292 -4.90 23.36 17.02
N GLU B 293 -5.63 23.19 18.13
CA GLU B 293 -4.96 22.86 19.38
C GLU B 293 -4.36 21.45 19.35
N ALA B 294 -5.04 20.52 18.67
CA ALA B 294 -4.49 19.18 18.50
C ALA B 294 -3.18 19.21 17.72
N ARG B 295 -3.04 20.16 16.79
CA ARG B 295 -1.76 20.37 16.11
C ARG B 295 -0.69 20.81 17.10
N LYS B 296 -1.04 21.73 18.00
CA LYS B 296 -0.08 22.20 19.01
C LYS B 296 0.36 21.05 19.90
N ALA B 297 -0.58 20.20 20.33
CA ALA B 297 -0.24 19.06 21.15
C ALA B 297 0.72 18.11 20.44
N LEU B 298 0.65 18.04 19.11
CA LEU B 298 1.62 17.26 18.37
C LEU B 298 3.00 17.90 18.41
N GLU B 299 3.06 19.23 18.36
CA GLU B 299 4.34 19.93 18.45
C GLU B 299 4.90 19.88 19.87
N GLU B 300 4.03 19.86 20.89
CA GLU B 300 4.49 19.63 22.25
C GLU B 300 5.07 18.23 22.40
N ALA B 301 4.33 17.22 21.94
CA ALA B 301 4.75 15.83 22.11
C ALA B 301 6.06 15.55 21.38
N GLU B 302 6.17 16.02 20.13
CA GLU B 302 7.38 15.76 19.36
C GLU B 302 8.60 16.43 20.00
N ALA B 303 8.41 17.64 20.54
CA ALA B 303 9.51 18.32 21.21
C ALA B 303 9.97 17.55 22.44
N ARG B 304 9.03 17.00 23.22
CA ARG B 304 9.41 16.17 24.36
C ARG B 304 10.03 14.86 23.89
N ARG B 305 9.56 14.32 22.76
CA ARG B 305 10.14 13.08 22.23
C ARG B 305 11.60 13.26 21.89
N VAL B 306 11.94 14.36 21.21
CA VAL B 306 13.32 14.61 20.81
C VAL B 306 14.22 14.75 22.04
N ALA B 307 13.76 15.52 23.04
CA ALA B 307 14.55 15.72 24.25
C ALA B 307 14.70 14.40 25.02
N ALA B 308 13.64 13.61 25.10
CA ALA B 308 13.71 12.32 25.79
C ALA B 308 14.68 11.38 25.08
N GLU B 309 14.64 11.34 23.75
CA GLU B 309 15.58 10.50 23.00
C GLU B 309 17.02 10.93 23.26
N GLU B 310 17.28 12.24 23.18
CA GLU B 310 18.64 12.74 23.34
C GLU B 310 19.20 12.42 24.72
N GLN B 311 18.40 12.63 25.77
CA GLN B 311 18.87 12.32 27.12
C GLN B 311 19.08 10.82 27.30
N ALA B 312 18.10 10.01 26.90
CA ALA B 312 18.28 8.56 26.96
C ALA B 312 19.41 8.08 26.08
N GLU B 313 19.78 8.86 25.05
CA GLU B 313 20.95 8.54 24.25
C GLU B 313 22.25 8.85 24.98
N ALA B 314 22.26 9.92 25.79
CA ALA B 314 23.47 10.27 26.53
C ALA B 314 23.84 9.19 27.54
N ARG B 315 22.83 8.60 28.19
CA ARG B 315 23.12 7.55 29.17
C ARG B 315 23.60 6.27 28.48
N ARG B 316 23.22 6.05 27.23
CA ARG B 316 23.72 4.89 26.49
C ARG B 316 25.23 4.93 26.33
N LEU B 317 25.74 6.03 25.77
CA LEU B 317 27.19 6.21 25.66
C LEU B 317 27.83 6.31 27.03
N GLU B 318 27.11 6.86 28.01
CA GLU B 318 27.59 6.90 29.38
C GLU B 318 27.99 5.51 29.87
N ALA B 319 27.13 4.52 29.62
CA ALA B 319 27.46 3.14 29.99
C ALA B 319 28.40 2.49 28.98
N GLU B 320 28.36 2.92 27.72
CA GLU B 320 29.25 2.34 26.70
C GLU B 320 30.71 2.61 27.03
N LYS B 321 31.03 3.83 27.48
CA LYS B 321 32.41 4.13 27.85
C LYS B 321 32.85 3.30 29.05
N ALA B 322 31.94 3.05 29.99
CA ALA B 322 32.28 2.21 31.13
C ALA B 322 32.41 0.74 30.72
N GLU B 323 31.69 0.32 29.67
CA GLU B 323 31.88 -1.01 29.11
C GLU B 323 33.19 -1.07 28.32
N LYS B 324 33.56 0.00 27.63
CA LYS B 324 34.85 0.04 26.97
C LYS B 324 35.98 0.26 27.96
N ALA B 325 35.68 0.86 29.12
CA ALA B 325 36.69 0.96 30.17
C ALA B 325 37.14 -0.41 30.65
N LYS B 326 36.22 -1.38 30.68
CA LYS B 326 36.57 -2.75 31.07
C LYS B 326 37.70 -3.29 30.21
N GLU B 327 37.59 -3.15 28.90
CA GLU B 327 38.61 -3.66 27.98
C GLU B 327 39.82 -2.73 28.04
N ALA B 328 40.79 -2.99 27.16
CA ALA B 328 42.08 -2.31 27.20
C ALA B 328 42.70 -2.43 28.60
N GLY B 329 43.28 -1.35 29.11
CA GLY B 329 44.03 -1.43 30.34
C GLY B 329 43.61 -0.47 31.44
N GLN B 330 42.31 -0.23 31.60
CA GLN B 330 41.81 0.63 32.65
C GLN B 330 40.63 -0.02 33.38
N PRO B 331 40.89 -1.14 34.12
CA PRO B 331 39.84 -1.94 34.77
C PRO B 331 38.38 -1.53 34.59
N VAL B 332 37.65 -1.37 35.69
CA VAL B 332 36.26 -0.91 35.62
C VAL B 332 35.87 -0.38 36.98
N SER B 333 34.97 0.61 37.00
CA SER B 333 34.46 1.15 38.24
C SER B 333 33.60 0.11 38.95
N GLU B 334 33.86 -0.08 40.25
CA GLU B 334 33.19 -1.14 41.00
C GLU B 334 31.70 -0.86 41.16
N GLU B 335 31.35 0.24 41.84
CA GLU B 335 29.95 0.55 42.08
C GLU B 335 29.37 1.51 41.05
N LYS B 336 30.20 2.30 40.37
CA LYS B 336 29.67 3.21 39.37
C LYS B 336 29.02 2.45 38.22
N LYS B 337 29.57 1.30 37.84
CA LYS B 337 29.00 0.53 36.74
C LYS B 337 27.60 0.04 37.06
N LYS B 338 27.31 -0.19 38.34
CA LYS B 338 25.94 -0.54 38.73
C LYS B 338 25.00 0.65 38.55
N MET B 339 25.46 1.85 38.95
CA MET B 339 24.63 3.05 38.84
C MET B 339 24.64 3.64 37.44
N LEU B 340 25.67 3.35 36.64
CA LEU B 340 25.66 3.79 35.25
C LEU B 340 24.50 3.17 34.49
N LEU B 341 24.25 1.88 34.72
CA LEU B 341 23.11 1.23 34.09
C LEU B 341 21.79 1.63 34.71
N GLU B 342 21.81 2.16 35.95
CA GLU B 342 20.60 2.66 36.57
C GLU B 342 20.09 3.90 35.84
N ALA B 343 20.98 4.77 35.38
CA ALA B 343 20.57 5.96 34.64
C ALA B 343 20.08 5.61 33.24
N VAL B 344 20.58 4.52 32.66
CA VAL B 344 20.09 4.07 31.37
C VAL B 344 18.68 3.52 31.50
N GLU B 345 18.35 2.94 32.65
CA GLU B 345 17.07 2.25 32.82
C GLU B 345 15.91 3.24 32.86
N LYS B 346 15.99 4.23 33.76
CA LYS B 346 14.88 5.17 33.90
C LYS B 346 14.82 6.13 32.71
N ALA B 347 15.95 6.43 32.08
CA ALA B 347 15.93 7.30 30.91
C ALA B 347 15.24 6.62 29.74
N GLU B 348 15.44 5.31 29.57
CA GLU B 348 14.78 4.61 28.48
C GLU B 348 13.29 4.41 28.77
N ALA B 349 12.92 4.30 30.04
CA ALA B 349 11.51 4.13 30.39
C ALA B 349 10.72 5.41 30.09
N THR B 350 11.31 6.56 30.36
CA THR B 350 10.67 7.83 30.00
C THR B 350 10.77 8.08 28.50
N GLU B 351 11.85 7.63 27.85
CA GLU B 351 11.98 7.79 26.41
C GLU B 351 10.84 7.06 25.68
N LYS B 352 10.58 5.81 26.06
CA LYS B 352 9.52 5.04 25.43
C LYS B 352 8.13 5.62 25.74
N ALA B 353 7.96 6.20 26.93
CA ALA B 353 6.67 6.78 27.29
C ALA B 353 6.39 8.05 26.47
N ALA B 354 7.42 8.86 26.23
CA ALA B 354 7.24 10.04 25.38
C ALA B 354 7.18 9.67 23.91
N GLU B 355 7.87 8.60 23.51
CA GLU B 355 7.85 8.18 22.10
C GLU B 355 6.47 7.72 21.67
N LYS B 356 5.73 7.04 22.55
CA LYS B 356 4.34 6.71 22.26
C LYS B 356 3.43 7.92 22.52
N GLN B 357 3.80 8.77 23.47
CA GLN B 357 3.06 10.02 23.67
C GLN B 357 3.09 10.87 22.40
N ALA B 358 4.16 10.78 21.62
CA ALA B 358 4.26 11.53 20.38
C ALA B 358 3.44 10.90 19.26
N LYS B 359 3.43 9.56 19.17
CA LYS B 359 2.74 8.91 18.08
C LYS B 359 1.23 8.96 18.26
N ASP B 360 0.75 8.82 19.50
CA ASP B 360 -0.67 8.94 19.77
C ASP B 360 -1.17 10.35 19.50
N SER B 361 -0.35 11.36 19.78
CA SER B 361 -0.74 12.74 19.50
C SER B 361 -0.95 12.95 18.00
N ARG B 362 -0.14 12.28 17.17
CA ARG B 362 -0.27 12.43 15.73
C ARG B 362 -1.60 11.87 15.23
N LYS B 363 -1.96 10.66 15.68
CA LYS B 363 -3.23 10.08 15.29
C LYS B 363 -4.42 10.80 15.90
N ALA B 364 -4.20 11.54 16.99
CA ALA B 364 -5.24 12.43 17.50
C ALA B 364 -5.41 13.63 16.58
N PHE B 365 -4.30 14.23 16.15
CA PHE B 365 -4.38 15.36 15.23
C PHE B 365 -4.88 14.95 13.86
N GLU B 366 -4.46 13.78 13.38
CA GLU B 366 -4.86 13.33 12.05
C GLU B 366 -6.36 13.16 11.94
N GLU B 367 -6.99 12.68 13.01
CA GLU B 367 -8.45 12.55 13.02
C GLU B 367 -9.14 13.90 13.24
N ALA B 368 -8.52 14.81 14.01
CA ALA B 368 -9.08 16.14 14.15
C ALA B 368 -9.04 16.89 12.81
N GLU B 369 -7.93 16.77 12.08
CA GLU B 369 -7.87 17.32 10.74
C GLU B 369 -8.89 16.67 9.82
N GLU B 370 -9.03 15.34 9.91
CA GLU B 370 -10.07 14.64 9.17
C GLU B 370 -11.46 15.14 9.52
N GLU B 371 -11.66 15.59 10.77
CA GLU B 371 -12.90 16.23 11.15
C GLU B 371 -13.00 17.66 10.64
N ARG B 372 -11.88 18.39 10.62
CA ARG B 372 -11.89 19.76 10.09
C ARG B 372 -12.28 19.77 8.62
N VAL B 373 -11.67 18.88 7.82
CA VAL B 373 -12.03 18.79 6.40
C VAL B 373 -13.49 18.40 6.25
N LYS B 374 -13.93 17.39 7.00
CA LYS B 374 -15.33 16.96 6.97
C LYS B 374 -16.27 18.08 7.43
N ALA B 375 -15.80 18.96 8.32
CA ALA B 375 -16.61 20.10 8.74
C ALA B 375 -16.71 21.15 7.63
N THR B 376 -15.60 21.41 6.93
CA THR B 376 -15.61 22.44 5.90
C THR B 376 -16.53 22.07 4.74
N GLU B 377 -16.78 20.77 4.53
CA GLU B 377 -17.76 20.37 3.54
C GLU B 377 -19.14 20.92 3.89
N ASP B 378 -19.54 20.80 5.16
CA ASP B 378 -20.86 21.26 5.58
C ASP B 378 -20.97 22.78 5.50
N ALA B 379 -19.91 23.50 5.88
CA ALA B 379 -19.92 24.95 5.73
C ALA B 379 -19.94 25.36 4.27
N GLU B 380 -19.32 24.55 3.39
CA GLU B 380 -19.37 24.84 1.96
C GLU B 380 -20.76 24.60 1.40
N ALA B 381 -21.43 23.55 1.86
CA ALA B 381 -22.75 23.22 1.33
C ALA B 381 -23.82 24.16 1.86
N ALA B 382 -23.76 24.51 3.16
CA ALA B 382 -24.79 25.36 3.74
C ALA B 382 -24.67 26.79 3.24
N LYS B 383 -23.45 27.29 3.08
CA LYS B 383 -23.27 28.62 2.48
C LYS B 383 -23.67 28.61 1.01
N GLU B 384 -23.54 27.47 0.33
CA GLU B 384 -24.08 27.35 -1.02
C GLU B 384 -25.61 27.29 -0.98
N GLU B 385 -26.18 26.65 0.04
CA GLU B 385 -27.63 26.63 0.18
C GLU B 385 -28.19 28.03 0.37
N LYS B 386 -27.49 28.88 1.12
CA LYS B 386 -27.94 30.25 1.32
C LYS B 386 -28.04 31.00 0.00
N LYS B 387 -27.02 30.87 -0.85
CA LYS B 387 -27.07 31.50 -2.16
C LYS B 387 -28.06 30.80 -3.08
N ASP B 388 -27.97 29.46 -3.17
CA ASP B 388 -28.70 28.72 -4.20
C ASP B 388 -30.21 28.83 -4.01
N ALA B 389 -30.68 28.80 -2.76
CA ALA B 389 -32.11 28.96 -2.53
C ALA B 389 -32.60 30.35 -2.93
N GLU B 390 -31.72 31.36 -2.88
CA GLU B 390 -32.10 32.74 -3.07
C GLU B 390 -31.57 33.34 -4.37
N GLU B 391 -30.96 32.55 -5.24
CA GLU B 391 -30.54 33.06 -6.53
C GLU B 391 -31.76 33.29 -7.42
N SER B 392 -31.66 34.30 -8.29
CA SER B 392 -32.70 34.51 -9.28
C SER B 392 -32.78 33.30 -10.20
N GLU B 393 -34.01 32.86 -10.48
CA GLU B 393 -34.22 31.72 -11.38
C GLU B 393 -33.53 31.93 -12.72
N GLU B 394 -33.71 33.12 -13.31
CA GLU B 394 -33.12 33.40 -14.62
C GLU B 394 -31.62 33.64 -14.52
N LYS B 395 -31.13 34.14 -13.39
CA LYS B 395 -29.70 34.42 -13.25
C LYS B 395 -28.86 33.16 -13.43
N LEU B 396 -29.39 32.00 -13.03
CA LEU B 396 -28.65 30.75 -13.23
C LEU B 396 -28.46 30.46 -14.71
N LYS B 397 -29.44 30.82 -15.54
CA LYS B 397 -29.31 30.60 -16.99
C LYS B 397 -28.09 31.33 -17.54
N LYS B 398 -27.82 32.54 -17.05
CA LYS B 398 -26.64 33.28 -17.47
C LYS B 398 -25.37 32.80 -16.77
N ASP B 399 -25.48 32.37 -15.51
CA ASP B 399 -24.28 31.90 -14.81
C ASP B 399 -23.87 30.50 -15.25
N VAL B 400 -24.83 29.66 -15.67
CA VAL B 400 -24.48 28.42 -16.35
C VAL B 400 -23.84 28.72 -17.70
N GLU B 401 -24.33 29.76 -18.38
CA GLU B 401 -23.69 30.23 -19.61
C GLU B 401 -22.25 30.68 -19.34
N LYS B 402 -22.03 31.36 -18.20
CA LYS B 402 -20.72 31.93 -17.91
C LYS B 402 -19.64 30.86 -17.87
N LEU B 403 -19.93 29.69 -17.30
CA LEU B 403 -18.93 28.63 -17.16
C LEU B 403 -18.80 27.78 -18.40
N ALA B 404 -19.87 27.62 -19.18
CA ALA B 404 -19.80 26.77 -20.36
C ALA B 404 -18.88 27.33 -21.43
N GLU B 405 -18.92 28.66 -21.64
CA GLU B 405 -18.13 29.25 -22.71
C GLU B 405 -16.63 29.19 -22.45
N GLU B 406 -16.23 29.00 -21.19
CA GLU B 406 -14.82 28.93 -20.87
C GLU B 406 -14.16 27.64 -21.34
N LEU B 407 -14.95 26.61 -21.62
CA LEU B 407 -14.43 25.35 -22.13
C LEU B 407 -14.75 25.18 -23.61
#